data_6FQA
#
_entry.id   6FQA
#
_cell.length_a   94.379
_cell.length_b   94.379
_cell.length_c   390.745
_cell.angle_alpha   90.000
_cell.angle_beta   90.000
_cell.angle_gamma   120.000
#
_symmetry.space_group_name_H-M   'P 65 2 2'
#
loop_
_entity.id
_entity.type
_entity.pdbx_description
1 polymer CsuC
2 polymer CsuA/B,CsuA/B
#
loop_
_entity_poly.entity_id
_entity_poly.type
_entity_poly.pdbx_seq_one_letter_code
_entity_poly.pdbx_strand_id
1 'polypeptide(L)'
;ATFLIWPIYPKIEANEKATAVWLQNTGKTDAMVQIRVFKWNQDGLKDNYSEQSEIIPSPPVAKIKAGEKHMLRLTKSVNL
PDGKEQSYRLIVDELPIRLSDGNEQDASKVSFQMRYSIPLFAYGKGIGSGLTEESQKLNAKNALAKPVLQWSVRNNQQGQ
SELYLKNNGQKFARLSALKTSKTGNDISLGKAAFGYVLSNSTVKFAIDQSTAHELAKTSKIYGVDSSGIKQELIEITKME
DPS
;
A,C
2 'polypeptide(L)'
;AVTHHHHHHSTGCTVGGSQTEGNMNKFGTLNFGKTSGTWNNVLTAEVASAATGGNISVTCDGTDPVDFTVAIDGGERTDR
TLKNTASADVVAYNVYRDAARTNLYVVNQPQQFTTVSGQATAVPIFGAIAPNTGTPKAQGDYKDTLLVTVNF
;
B,D
#
# COMPACT_ATOMS: atom_id res chain seq x y z
N ALA A 1 -1.19 20.61 4.47
CA ALA A 1 -1.21 20.83 5.93
C ALA A 1 -1.92 19.70 6.68
N THR A 2 -1.52 19.45 7.93
CA THR A 2 -1.85 18.22 8.66
C THR A 2 -2.50 18.54 10.00
N PHE A 3 -3.66 17.92 10.28
CA PHE A 3 -4.44 18.23 11.49
C PHE A 3 -4.83 16.99 12.30
N LEU A 4 -4.66 17.09 13.62
CA LEU A 4 -5.21 16.10 14.56
C LEU A 4 -6.50 16.68 15.13
N ILE A 5 -7.63 16.06 14.82
CA ILE A 5 -8.94 16.49 15.33
C ILE A 5 -9.39 15.48 16.39
N TRP A 6 -9.84 16.00 17.54
CA TRP A 6 -10.25 15.18 18.69
C TRP A 6 -11.23 15.99 19.50
N PRO A 7 -12.38 15.44 19.87
CA PRO A 7 -12.93 14.17 19.42
C PRO A 7 -13.62 14.27 18.08
N ILE A 8 -13.48 13.18 17.31
CA ILE A 8 -14.12 13.07 16.02
C ILE A 8 -15.64 12.91 16.15
N TYR A 9 -16.15 12.44 17.28
CA TYR A 9 -17.58 12.25 17.48
C TYR A 9 -18.06 13.11 18.65
N PRO A 10 -18.05 14.43 18.49
CA PRO A 10 -18.45 15.32 19.59
C PRO A 10 -19.96 15.42 19.73
N LYS A 11 -20.38 15.58 20.98
CA LYS A 11 -21.76 15.82 21.31
C LYS A 11 -21.86 16.85 22.45
N ILE A 12 -22.97 17.57 22.45
CA ILE A 12 -23.34 18.48 23.51
C ILE A 12 -24.53 17.87 24.23
N GLU A 13 -24.36 17.55 25.52
CA GLU A 13 -25.43 16.91 26.25
C GLU A 13 -26.53 17.92 26.54
N ALA A 14 -27.68 17.41 27.01
CA ALA A 14 -28.82 18.28 27.26
C ALA A 14 -28.47 19.38 28.25
N ASN A 15 -27.76 19.04 29.34
CA ASN A 15 -27.46 19.98 30.41
C ASN A 15 -26.10 20.64 30.31
N GLU A 16 -25.39 20.51 29.19
CA GLU A 16 -24.16 21.25 28.97
C GLU A 16 -24.44 22.48 28.11
N LYS A 17 -23.71 23.57 28.36
CA LYS A 17 -23.86 24.76 27.54
C LYS A 17 -22.88 24.79 26.38
N ALA A 18 -21.92 23.87 26.36
CA ALA A 18 -20.92 23.88 25.31
C ALA A 18 -20.20 22.55 25.30
N THR A 19 -19.42 22.37 24.26
CA THR A 19 -18.40 21.35 24.27
C THR A 19 -17.24 21.87 23.45
N ALA A 20 -16.13 21.15 23.52
CA ALA A 20 -14.91 21.55 22.86
C ALA A 20 -14.51 20.47 21.86
N VAL A 21 -14.00 20.92 20.73
CA VAL A 21 -13.26 20.08 19.82
C VAL A 21 -11.86 20.65 19.72
N TRP A 22 -10.87 19.79 19.75
CA TRP A 22 -9.49 20.26 19.71
C TRP A 22 -8.96 20.08 18.31
N LEU A 23 -8.18 21.05 17.88
CA LEU A 23 -7.66 21.11 16.52
C LEU A 23 -6.17 21.41 16.65
N GLN A 24 -5.32 20.46 16.28
CA GLN A 24 -3.87 20.65 16.37
C GLN A 24 -3.25 20.56 14.97
N ASN A 25 -2.55 21.62 14.55
CA ASN A 25 -1.66 21.57 13.40
C ASN A 25 -0.42 20.75 13.75
N THR A 26 -0.30 19.57 13.16
CA THR A 26 0.88 18.74 13.39
C THR A 26 1.90 18.85 12.27
N GLY A 27 1.58 19.54 11.19
CA GLY A 27 2.56 19.83 10.17
C GLY A 27 3.68 20.70 10.70
N LYS A 28 4.60 21.01 9.78
CA LYS A 28 5.71 21.92 10.05
C LYS A 28 5.44 23.32 9.52
N THR A 29 4.24 23.56 9.02
CA THR A 29 3.91 24.81 8.34
C THR A 29 2.67 25.42 8.97
N ASP A 30 2.65 26.76 9.05
CA ASP A 30 1.49 27.45 9.60
C ASP A 30 0.27 27.19 8.74
N ALA A 31 -0.90 27.12 9.37
CA ALA A 31 -2.15 26.92 8.65
C ALA A 31 -3.19 27.94 9.11
N MET A 32 -4.15 28.20 8.22
CA MET A 32 -5.27 29.09 8.48
C MET A 32 -6.54 28.32 8.16
N VAL A 33 -7.54 28.42 9.04
CA VAL A 33 -8.73 27.58 8.94
C VAL A 33 -9.98 28.40 9.23
N GLN A 34 -11.07 28.04 8.57
CA GLN A 34 -12.39 28.59 8.86
C GLN A 34 -13.24 27.53 9.54
N ILE A 35 -14.00 27.94 10.56
CA ILE A 35 -14.79 27.04 11.39
C ILE A 35 -16.27 27.40 11.25
N ARG A 36 -17.09 26.42 10.89
CA ARG A 36 -18.53 26.63 10.74
C ARG A 36 -19.26 25.37 11.16
N VAL A 37 -20.51 25.55 11.59
CA VAL A 37 -21.42 24.47 11.96
C VAL A 37 -22.68 24.62 11.12
N PHE A 38 -23.09 23.54 10.46
CA PHE A 38 -24.33 23.54 9.67
C PHE A 38 -25.33 22.57 10.27
N LYS A 39 -26.61 22.96 10.26
CA LYS A 39 -27.63 22.01 10.68
C LYS A 39 -27.78 20.96 9.59
N TRP A 40 -28.06 19.72 10.01
CA TRP A 40 -27.93 18.56 9.14
C TRP A 40 -29.21 17.76 9.16
N ASN A 41 -29.75 17.49 7.97
CA ASN A 41 -31.01 16.75 7.85
C ASN A 41 -30.92 15.82 6.66
N GLN A 42 -31.89 14.90 6.55
CA GLN A 42 -31.94 13.98 5.42
C GLN A 42 -33.30 14.02 4.73
N ASP A 43 -33.94 15.19 4.70
CA ASP A 43 -35.19 15.37 3.96
C ASP A 43 -34.97 15.09 2.48
N GLY A 44 -35.98 14.53 1.83
CA GLY A 44 -35.86 14.10 0.45
C GLY A 44 -34.85 12.99 0.23
N LEU A 45 -34.55 12.18 1.26
CA LEU A 45 -33.73 10.98 1.19
C LEU A 45 -32.31 11.27 0.72
N LYS A 46 -31.93 12.55 0.69
CA LYS A 46 -30.58 13.04 0.45
C LYS A 46 -30.15 13.82 1.69
N ASP A 47 -28.84 14.00 1.86
CA ASP A 47 -28.31 14.80 2.97
C ASP A 47 -28.27 16.27 2.60
N ASN A 48 -28.77 17.11 3.51
CA ASN A 48 -28.92 18.54 3.29
C ASN A 48 -28.36 19.30 4.47
N TYR A 49 -27.65 20.39 4.20
CA TYR A 49 -27.09 21.23 5.25
C TYR A 49 -27.63 22.65 5.09
N SER A 50 -27.98 23.28 6.20
CA SER A 50 -28.41 24.66 6.21
C SER A 50 -27.60 25.46 7.24
N GLU A 51 -27.41 26.75 6.97
CA GLU A 51 -26.80 27.60 7.98
C GLU A 51 -27.71 27.66 9.20
N GLN A 52 -27.13 28.03 10.33
CA GLN A 52 -27.78 27.66 11.57
C GLN A 52 -27.20 28.48 12.73
N SER A 53 -28.03 28.70 13.76
CA SER A 53 -27.65 29.52 14.91
C SER A 53 -27.89 28.83 16.24
N GLU A 54 -28.30 27.56 16.24
CA GLU A 54 -28.47 26.81 17.49
C GLU A 54 -27.12 26.49 18.15
N ILE A 55 -26.06 26.36 17.35
CA ILE A 55 -24.70 26.07 17.81
C ILE A 55 -23.78 27.13 17.22
N ILE A 56 -22.97 27.76 18.06
CA ILE A 56 -22.07 28.83 17.63
C ILE A 56 -20.62 28.40 17.83
N PRO A 57 -19.82 28.30 16.76
CA PRO A 57 -18.41 27.91 16.88
C PRO A 57 -17.51 29.12 17.08
N SER A 58 -16.52 28.95 17.93
CA SER A 58 -15.63 30.01 18.40
C SER A 58 -14.22 29.47 18.47
N PRO A 59 -13.27 30.03 17.74
CA PRO A 59 -13.34 31.14 16.78
C PRO A 59 -13.89 30.72 15.43
N PRO A 60 -14.52 31.65 14.70
CA PRO A 60 -14.92 31.31 13.32
C PRO A 60 -13.77 31.23 12.35
N VAL A 61 -12.65 31.89 12.64
CA VAL A 61 -11.43 31.83 11.84
C VAL A 61 -10.25 31.81 12.82
N ALA A 62 -9.18 31.09 12.46
CA ALA A 62 -8.04 30.93 13.36
C ALA A 62 -6.75 30.71 12.56
N LYS A 63 -5.68 31.40 12.96
CA LYS A 63 -4.33 31.04 12.54
C LYS A 63 -3.81 30.00 13.52
N ILE A 64 -3.42 28.84 13.00
CA ILE A 64 -2.94 27.73 13.83
C ILE A 64 -1.50 27.48 13.42
N LYS A 65 -0.55 28.01 14.19
CA LYS A 65 0.86 27.83 13.88
C LYS A 65 1.24 26.36 14.08
N ALA A 66 2.37 25.97 13.49
CA ALA A 66 2.77 24.56 13.51
C ALA A 66 2.97 24.05 14.93
N GLY A 67 2.39 22.90 15.22
CA GLY A 67 2.52 22.27 16.51
C GLY A 67 1.50 22.74 17.52
N GLU A 68 0.81 23.85 17.24
CA GLU A 68 -0.13 24.43 18.21
C GLU A 68 -1.44 23.66 18.22
N LYS A 69 -2.08 23.67 19.39
CA LYS A 69 -3.37 23.00 19.61
C LYS A 69 -4.38 24.07 20.03
N HIS A 70 -5.44 24.23 19.27
CA HIS A 70 -6.46 25.23 19.51
C HIS A 70 -7.73 24.57 20.00
N MET A 71 -8.47 25.28 20.83
CA MET A 71 -9.71 24.77 21.40
C MET A 71 -10.86 25.47 20.71
N LEU A 72 -11.61 24.69 19.94
CA LEU A 72 -12.87 25.13 19.35
C LEU A 72 -13.94 25.03 20.41
N ARG A 73 -14.60 26.15 20.69
CA ARG A 73 -15.72 26.15 21.61
C ARG A 73 -16.99 26.12 20.78
N LEU A 74 -17.78 25.06 20.97
CA LEU A 74 -19.06 24.90 20.30
C LEU A 74 -20.14 25.16 21.36
N THR A 75 -20.88 26.25 21.19
CA THR A 75 -21.79 26.79 22.20
C THR A 75 -23.24 26.60 21.79
N LYS A 76 -24.07 26.19 22.73
CA LYS A 76 -25.50 25.96 22.51
C LYS A 76 -26.26 27.21 22.95
N SER A 77 -26.80 27.95 21.98
CA SER A 77 -27.33 29.28 22.25
C SER A 77 -28.55 29.22 23.16
N VAL A 78 -29.49 28.33 22.84
CA VAL A 78 -30.71 28.16 23.60
C VAL A 78 -30.93 26.67 23.80
N ASN A 79 -31.67 26.34 24.85
CA ASN A 79 -32.03 24.96 25.10
C ASN A 79 -32.85 24.40 23.93
N LEU A 80 -32.61 23.16 23.61
CA LEU A 80 -33.18 22.52 22.43
C LEU A 80 -34.45 21.77 22.81
N PRO A 81 -35.25 21.37 21.81
CA PRO A 81 -36.57 20.80 22.12
C PRO A 81 -36.48 19.54 22.96
N ASP A 82 -37.49 19.33 23.80
CA ASP A 82 -37.49 18.21 24.75
C ASP A 82 -37.44 16.87 24.03
N GLY A 83 -36.58 15.99 24.52
CA GLY A 83 -36.55 14.60 24.09
C GLY A 83 -36.04 14.35 22.69
N LYS A 84 -35.49 15.36 22.03
CA LYS A 84 -35.06 15.33 20.64
C LYS A 84 -33.53 15.34 20.53
N GLU A 85 -33.01 14.83 19.41
CA GLU A 85 -31.58 14.87 19.11
C GLU A 85 -31.36 15.68 17.84
N GLN A 86 -30.52 16.72 17.93
CA GLN A 86 -30.28 17.63 16.80
C GLN A 86 -28.95 17.30 16.13
N SER A 87 -28.90 17.42 14.80
CA SER A 87 -27.80 16.91 14.01
C SER A 87 -27.10 18.04 13.28
N TYR A 88 -25.77 18.09 13.37
CA TYR A 88 -24.96 19.11 12.70
C TYR A 88 -23.71 18.49 12.10
N ARG A 89 -23.02 19.28 11.28
CA ARG A 89 -21.63 18.99 10.90
C ARG A 89 -20.80 20.20 11.28
N LEU A 90 -19.69 19.97 11.96
CA LEU A 90 -18.62 20.94 12.09
C LEU A 90 -17.78 20.86 10.82
N ILE A 91 -17.63 21.99 10.12
CA ILE A 91 -16.87 22.05 8.87
C ILE A 91 -15.62 22.88 9.14
N VAL A 92 -14.45 22.31 8.85
CA VAL A 92 -13.16 22.95 9.02
C VAL A 92 -12.55 23.14 7.65
N ASP A 93 -12.41 24.40 7.21
CA ASP A 93 -12.00 24.75 5.86
C ASP A 93 -10.59 25.33 5.90
N GLU A 94 -9.63 24.63 5.30
CA GLU A 94 -8.23 25.06 5.27
C GLU A 94 -8.05 26.15 4.22
N LEU A 95 -7.78 27.39 4.67
CA LEU A 95 -7.70 28.54 3.77
C LEU A 95 -6.32 28.65 3.12
N PRO A 96 -6.26 28.88 1.81
CA PRO A 96 -4.95 28.93 1.15
C PRO A 96 -4.23 30.24 1.39
N ILE A 97 -2.90 30.16 1.42
CA ILE A 97 -2.05 31.33 1.65
C ILE A 97 -0.64 31.12 1.08
N SER A 108 1.36 23.70 -16.27
CA SER A 108 -0.08 23.55 -16.08
C SER A 108 -0.46 22.63 -14.89
N LYS A 109 -0.92 23.22 -13.79
CA LYS A 109 -1.13 22.54 -12.52
C LYS A 109 -2.60 22.55 -12.10
N VAL A 110 -2.93 21.66 -11.16
CA VAL A 110 -4.22 21.67 -10.47
C VAL A 110 -3.98 21.24 -9.01
N SER A 111 -4.52 22.02 -8.08
CA SER A 111 -4.12 21.98 -6.68
C SER A 111 -5.31 21.71 -5.77
N PHE A 112 -5.02 21.36 -4.52
CA PHE A 112 -6.05 20.84 -3.62
C PHE A 112 -6.26 21.75 -2.43
N GLN A 113 -7.53 22.06 -2.15
CA GLN A 113 -7.95 22.70 -0.92
C GLN A 113 -8.70 21.69 -0.07
N MET A 114 -8.27 21.52 1.16
CA MET A 114 -8.88 20.50 2.01
C MET A 114 -10.07 21.06 2.79
N ARG A 115 -11.01 20.16 3.11
CA ARG A 115 -12.14 20.47 3.95
C ARG A 115 -12.47 19.25 4.78
N TYR A 116 -12.56 19.42 6.10
CA TYR A 116 -12.78 18.33 7.04
C TYR A 116 -14.10 18.51 7.77
N SER A 117 -14.87 17.43 7.87
CA SER A 117 -16.23 17.53 8.38
C SER A 117 -16.46 16.42 9.39
N ILE A 118 -16.81 16.79 10.61
CA ILE A 118 -17.08 15.79 11.64
C ILE A 118 -18.53 15.98 12.07
N PRO A 119 -19.20 14.94 12.53
CA PRO A 119 -20.58 15.10 12.94
C PRO A 119 -20.66 15.66 14.35
N LEU A 120 -21.70 16.46 14.59
CA LEU A 120 -21.96 17.00 15.91
C LEU A 120 -23.42 16.74 16.27
N PHE A 121 -23.66 16.39 17.52
CA PHE A 121 -25.00 16.02 17.98
C PHE A 121 -25.26 16.66 19.33
N ALA A 122 -26.40 17.34 19.44
CA ALA A 122 -26.80 18.02 20.66
C ALA A 122 -28.17 17.52 21.11
N TYR A 123 -28.40 17.48 22.42
CA TYR A 123 -29.58 16.80 22.95
C TYR A 123 -30.44 17.75 23.76
N GLY A 124 -31.76 17.55 23.67
CA GLY A 124 -32.69 18.22 24.56
C GLY A 124 -33.03 17.37 25.79
N LYS A 125 -33.82 17.97 26.68
CA LYS A 125 -34.13 17.35 27.95
C LYS A 125 -34.63 15.92 27.79
N GLY A 126 -34.03 15.00 28.54
CA GLY A 126 -34.59 13.65 28.61
C GLY A 126 -34.00 12.64 27.66
N ILE A 127 -32.93 13.01 26.96
CA ILE A 127 -32.28 12.12 26.00
C ILE A 127 -30.82 12.57 25.92
N GLY A 128 -29.94 11.64 25.59
CA GLY A 128 -28.52 11.98 25.58
C GLY A 128 -27.72 11.04 24.71
N SER A 129 -26.44 11.38 24.56
CA SER A 129 -25.57 10.64 23.66
C SER A 129 -25.50 9.15 24.00
N GLY A 130 -25.54 8.82 25.30
CA GLY A 130 -25.28 7.48 25.74
C GLY A 130 -23.83 7.13 25.93
N LEU A 131 -22.92 8.10 25.80
CA LEU A 131 -21.49 7.86 25.90
C LEU A 131 -20.94 8.13 27.30
N THR A 132 -21.76 8.64 28.20
CA THR A 132 -21.44 8.83 29.60
C THR A 132 -22.50 8.12 30.44
N GLU A 133 -22.14 7.80 31.69
CA GLU A 133 -23.09 7.09 32.53
C GLU A 133 -24.32 7.94 32.82
N GLU A 134 -24.15 9.26 32.90
CA GLU A 134 -25.29 10.15 33.11
C GLU A 134 -26.30 10.03 31.97
N SER A 135 -25.83 10.02 30.71
CA SER A 135 -26.77 9.91 29.61
C SER A 135 -27.25 8.48 29.39
N GLN A 136 -26.38 7.48 29.62
CA GLN A 136 -26.81 6.08 29.61
C GLN A 136 -28.04 5.87 30.47
N LYS A 137 -27.96 6.34 31.73
CA LYS A 137 -29.10 6.22 32.65
C LYS A 137 -30.31 7.03 32.17
N LEU A 138 -30.06 8.09 31.41
CA LEU A 138 -31.15 8.91 30.91
C LEU A 138 -31.90 8.20 29.77
N ASN A 139 -31.17 7.45 28.94
CA ASN A 139 -31.76 6.79 27.78
C ASN A 139 -32.47 5.49 28.14
N ALA A 140 -32.06 4.84 29.24
CA ALA A 140 -32.78 3.63 29.67
C ALA A 140 -34.24 3.94 29.96
N LYS A 141 -34.54 5.16 30.39
CA LYS A 141 -35.90 5.58 30.68
C LYS A 141 -36.66 6.03 29.45
N ASN A 142 -36.01 6.07 28.28
CA ASN A 142 -36.64 6.50 27.05
C ASN A 142 -36.67 5.33 26.07
N ALA A 143 -37.88 4.90 25.71
CA ALA A 143 -38.03 3.72 24.87
C ALA A 143 -37.48 3.94 23.46
N LEU A 144 -37.49 5.19 22.98
CA LEU A 144 -37.09 5.54 21.63
C LEU A 144 -35.76 6.31 21.57
N ALA A 145 -35.02 6.35 22.67
CA ALA A 145 -33.66 6.93 22.67
C ALA A 145 -32.68 5.89 22.13
N LYS A 146 -32.86 5.58 20.84
CA LYS A 146 -32.02 4.67 20.08
C LYS A 146 -32.45 4.71 18.62
N PRO A 147 -31.63 4.19 17.71
CA PRO A 147 -32.09 4.05 16.33
C PRO A 147 -32.99 2.84 16.22
N VAL A 148 -34.03 2.96 15.40
CA VAL A 148 -35.05 1.92 15.25
C VAL A 148 -35.32 1.80 13.75
N LEU A 149 -34.60 0.89 13.09
CA LEU A 149 -34.42 0.95 11.65
C LEU A 149 -35.38 0.03 10.91
N GLN A 150 -35.77 0.45 9.72
CA GLN A 150 -36.50 -0.40 8.78
C GLN A 150 -35.86 -0.25 7.40
N TRP A 151 -36.00 -1.30 6.59
CA TRP A 151 -35.40 -1.35 5.26
C TRP A 151 -36.41 -1.87 4.25
N SER A 152 -36.26 -1.39 3.01
CA SER A 152 -36.98 -1.96 1.88
C SER A 152 -36.28 -1.52 0.61
N VAL A 153 -36.15 -2.43 -0.35
CA VAL A 153 -35.46 -2.15 -1.60
C VAL A 153 -36.50 -2.00 -2.70
N ARG A 154 -36.33 -0.96 -3.53
CA ARG A 154 -37.32 -0.52 -4.51
C ARG A 154 -36.57 -0.04 -5.76
N ASN A 155 -37.16 -0.29 -6.93
CA ASN A 155 -36.49 -0.04 -8.20
C ASN A 155 -36.96 1.27 -8.84
N ASN A 156 -36.02 1.96 -9.50
CA ASN A 156 -36.33 3.20 -10.18
C ASN A 156 -36.86 2.92 -11.59
N GLN A 157 -37.53 3.94 -12.15
CA GLN A 157 -38.03 3.84 -13.53
C GLN A 157 -36.88 3.65 -14.51
N GLN A 158 -35.73 4.29 -14.23
CA GLN A 158 -34.53 4.04 -15.01
C GLN A 158 -34.00 2.63 -14.80
N GLY A 159 -34.39 1.98 -13.70
CA GLY A 159 -33.98 0.62 -13.44
C GLY A 159 -32.90 0.46 -12.40
N GLN A 160 -32.46 1.56 -11.80
CA GLN A 160 -31.46 1.48 -10.73
C GLN A 160 -32.11 0.93 -9.46
N SER A 161 -31.40 0.03 -8.78
CA SER A 161 -31.82 -0.51 -7.51
C SER A 161 -31.30 0.36 -6.37
N GLU A 162 -32.17 0.68 -5.41
CA GLU A 162 -31.79 1.53 -4.30
C GLU A 162 -32.43 1.04 -2.99
N LEU A 163 -31.61 0.99 -1.95
CA LEU A 163 -32.03 0.56 -0.63
C LEU A 163 -32.55 1.75 0.18
N TYR A 164 -33.73 1.59 0.79
CA TYR A 164 -34.31 2.61 1.67
C TYR A 164 -34.11 2.19 3.13
N LEU A 165 -33.52 3.07 3.92
CA LEU A 165 -33.39 2.88 5.37
C LEU A 165 -34.16 3.99 6.07
N LYS A 166 -35.04 3.63 6.98
CA LYS A 166 -35.91 4.59 7.67
C LYS A 166 -35.73 4.43 9.17
N ASN A 167 -35.34 5.52 9.85
CA ASN A 167 -35.06 5.52 11.27
C ASN A 167 -36.27 6.08 12.03
N ASN A 168 -36.93 5.24 12.78
CA ASN A 168 -38.07 5.65 13.59
C ASN A 168 -37.66 6.20 14.94
N GLY A 169 -36.41 5.98 15.34
CA GLY A 169 -35.99 6.33 16.69
C GLY A 169 -35.54 7.76 16.84
N GLN A 170 -35.41 8.18 18.08
CA GLN A 170 -35.02 9.55 18.34
C GLN A 170 -33.52 9.79 18.16
N LYS A 171 -32.73 8.76 17.86
CA LYS A 171 -31.28 8.86 17.74
C LYS A 171 -30.82 8.31 16.40
N PHE A 172 -29.63 8.76 15.98
CA PHE A 172 -29.04 8.38 14.71
C PHE A 172 -28.40 7.00 14.78
N ALA A 173 -28.07 6.47 13.59
CA ALA A 173 -27.32 5.23 13.42
C ALA A 173 -26.16 5.48 12.46
N ARG A 174 -24.96 5.07 12.85
CA ARG A 174 -23.79 5.11 11.98
C ARG A 174 -23.46 3.67 11.59
N LEU A 175 -23.75 3.31 10.33
CA LEU A 175 -23.67 1.95 9.85
C LEU A 175 -22.39 1.70 9.06
N SER A 176 -21.62 0.68 9.46
CA SER A 176 -20.43 0.26 8.74
C SER A 176 -20.69 -0.83 7.72
N ALA A 177 -21.78 -1.59 7.89
CA ALA A 177 -22.04 -2.77 7.07
C ALA A 177 -23.46 -3.24 7.31
N LEU A 178 -23.99 -4.02 6.35
CA LEU A 178 -25.26 -4.73 6.51
C LEU A 178 -25.03 -6.22 6.37
N LYS A 179 -25.53 -6.99 7.33
CA LYS A 179 -25.51 -8.45 7.31
C LYS A 179 -26.92 -8.97 7.14
N THR A 180 -27.01 -10.18 6.60
CA THR A 180 -28.29 -10.82 6.37
C THR A 180 -28.73 -11.68 7.54
N SER A 181 -27.80 -12.00 8.43
CA SER A 181 -28.12 -12.73 9.64
C SER A 181 -27.13 -12.32 10.71
N LYS A 182 -27.54 -12.46 11.97
CA LYS A 182 -26.70 -12.04 13.11
C LYS A 182 -25.30 -12.65 13.06
N THR A 183 -25.14 -13.81 12.44
CA THR A 183 -23.84 -14.47 12.34
C THR A 183 -23.24 -14.39 10.96
N GLY A 184 -23.99 -13.86 9.99
CA GLY A 184 -23.58 -13.87 8.61
C GLY A 184 -22.42 -12.95 8.35
N ASN A 185 -22.04 -12.86 7.08
CA ASN A 185 -21.02 -11.91 6.66
C ASN A 185 -21.67 -10.69 6.02
N ASP A 186 -20.91 -9.60 6.00
CA ASP A 186 -21.37 -8.35 5.39
C ASP A 186 -21.68 -8.57 3.91
N ILE A 187 -22.88 -8.19 3.49
CA ILE A 187 -23.22 -8.20 2.07
C ILE A 187 -22.39 -7.14 1.36
N SER A 188 -22.08 -7.39 0.08
CA SER A 188 -21.18 -6.50 -0.66
C SER A 188 -21.93 -5.29 -1.18
N LEU A 189 -22.19 -4.33 -0.27
CA LEU A 189 -22.62 -3.00 -0.70
C LEU A 189 -21.55 -2.45 -1.61
N GLY A 190 -21.75 -2.51 -2.93
CA GLY A 190 -20.66 -2.19 -3.83
C GLY A 190 -20.22 -0.73 -3.79
N LYS A 191 -20.70 0.03 -4.77
CA LYS A 191 -20.41 1.45 -4.90
C LYS A 191 -21.33 2.25 -3.96
N ALA A 192 -21.17 3.57 -3.98
CA ALA A 192 -22.01 4.51 -3.25
C ALA A 192 -21.85 4.36 -1.73
N ALA A 193 -21.33 5.39 -1.09
CA ALA A 193 -21.21 5.40 0.35
C ALA A 193 -22.58 5.39 1.02
N PHE A 194 -22.58 4.95 2.27
CA PHE A 194 -23.77 5.02 3.11
C PHE A 194 -23.28 4.95 4.56
N GLY A 195 -24.21 5.04 5.50
CA GLY A 195 -23.80 4.96 6.88
C GLY A 195 -24.72 5.64 7.88
N TYR A 196 -24.97 6.93 7.69
CA TYR A 196 -25.78 7.67 8.65
C TYR A 196 -27.24 7.59 8.23
N VAL A 197 -28.08 7.13 9.13
CA VAL A 197 -29.52 7.35 9.07
C VAL A 197 -29.85 8.19 10.29
N LEU A 198 -30.11 9.48 10.08
CA LEU A 198 -30.39 10.32 11.24
C LEU A 198 -31.70 9.93 11.92
N SER A 199 -31.87 10.45 13.13
CA SER A 199 -33.12 10.27 13.85
C SER A 199 -34.27 10.74 12.99
N ASN A 200 -35.40 10.03 13.06
CA ASN A 200 -36.66 10.47 12.45
C ASN A 200 -36.47 10.89 10.99
N SER A 201 -35.77 10.03 10.25
CA SER A 201 -35.50 10.28 8.85
C SER A 201 -35.54 8.96 8.10
N THR A 202 -35.44 9.07 6.78
CA THR A 202 -35.15 7.91 5.97
C THR A 202 -34.17 8.31 4.87
N VAL A 203 -33.21 7.44 4.56
CA VAL A 203 -32.25 7.68 3.48
C VAL A 203 -32.39 6.62 2.40
N LYS A 204 -31.54 6.72 1.38
CA LYS A 204 -31.70 5.94 0.16
C LYS A 204 -30.34 5.81 -0.52
N PHE A 205 -29.73 4.64 -0.38
CA PHE A 205 -28.46 4.32 -1.01
C PHE A 205 -28.72 3.62 -2.34
N ALA A 206 -27.90 3.92 -3.33
CA ALA A 206 -27.90 3.16 -4.57
C ALA A 206 -27.16 1.85 -4.33
N ILE A 207 -27.80 0.73 -4.65
CA ILE A 207 -27.17 -0.58 -4.48
C ILE A 207 -27.11 -1.26 -5.85
N ASP A 208 -26.05 -2.05 -6.05
CA ASP A 208 -25.93 -2.78 -7.29
C ASP A 208 -26.87 -3.97 -7.27
N GLN A 209 -26.97 -4.64 -8.42
CA GLN A 209 -27.88 -5.78 -8.54
C GLN A 209 -27.42 -6.97 -7.71
N SER A 210 -26.12 -7.10 -7.46
CA SER A 210 -25.62 -8.23 -6.69
C SER A 210 -26.27 -8.32 -5.32
N THR A 211 -26.68 -7.18 -4.74
CA THR A 211 -27.15 -7.09 -3.36
C THR A 211 -28.67 -7.14 -3.22
N ALA A 212 -29.41 -6.36 -4.00
CA ALA A 212 -30.82 -6.70 -4.19
C ALA A 212 -30.84 -8.11 -4.74
N HIS A 213 -31.61 -8.99 -4.10
CA HIS A 213 -31.37 -10.42 -4.21
C HIS A 213 -30.04 -10.73 -3.54
N GLU A 214 -30.11 -11.55 -2.49
CA GLU A 214 -29.21 -11.63 -1.33
C GLU A 214 -29.99 -10.97 -0.22
N LEU A 215 -30.21 -9.67 -0.40
CA LEU A 215 -31.25 -8.94 0.30
C LEU A 215 -32.60 -9.30 -0.31
N ALA A 216 -33.66 -9.09 0.46
CA ALA A 216 -35.04 -9.37 0.07
C ALA A 216 -35.27 -10.83 -0.32
N LYS A 217 -34.26 -11.68 -0.22
CA LYS A 217 -34.45 -13.10 0.03
C LYS A 217 -34.50 -13.38 1.54
N THR A 218 -34.27 -12.36 2.37
CA THR A 218 -34.40 -12.42 3.82
C THR A 218 -35.35 -11.31 4.26
N SER A 219 -35.81 -11.42 5.51
CA SER A 219 -36.80 -10.52 6.08
C SER A 219 -36.16 -9.49 7.00
N LYS A 220 -35.47 -9.95 8.04
CA LYS A 220 -34.68 -9.08 8.91
C LYS A 220 -33.24 -9.09 8.43
N ILE A 221 -32.59 -7.93 8.52
CA ILE A 221 -31.15 -7.81 8.34
C ILE A 221 -30.57 -7.05 9.52
N TYR A 222 -29.25 -6.99 9.56
CA TYR A 222 -28.55 -6.47 10.72
C TYR A 222 -27.49 -5.49 10.26
N GLY A 223 -27.47 -4.30 10.90
CA GLY A 223 -26.47 -3.28 10.62
C GLY A 223 -25.45 -3.20 11.74
N VAL A 224 -24.21 -2.94 11.39
CA VAL A 224 -23.17 -2.65 12.37
C VAL A 224 -23.20 -1.15 12.70
N ASP A 225 -23.34 -0.81 14.00
CA ASP A 225 -23.66 0.55 14.43
C ASP A 225 -22.62 1.04 15.44
N SER A 226 -22.01 2.18 15.14
CA SER A 226 -21.00 2.76 16.03
C SER A 226 -21.51 3.97 16.80
N SER A 227 -22.81 4.26 16.70
CA SER A 227 -23.35 5.49 17.26
C SER A 227 -23.20 5.55 18.77
N GLY A 228 -23.13 4.40 19.43
CA GLY A 228 -22.93 4.33 20.85
C GLY A 228 -21.49 4.03 21.21
N ILE A 229 -21.32 3.41 22.38
CA ILE A 229 -20.00 3.20 22.97
C ILE A 229 -19.17 2.22 22.14
N LYS A 230 -19.73 1.05 21.88
CA LYS A 230 -19.01 0.04 21.12
C LYS A 230 -19.80 -0.31 19.88
N GLN A 231 -19.12 -0.96 18.94
CA GLN A 231 -19.79 -1.45 17.74
C GLN A 231 -20.80 -2.52 18.15
N GLU A 232 -21.97 -2.50 17.52
CA GLU A 232 -23.03 -3.41 17.94
C GLU A 232 -24.00 -3.63 16.79
N LEU A 233 -24.47 -4.87 16.66
CA LEU A 233 -25.50 -5.18 15.68
C LEU A 233 -26.81 -4.54 16.07
N ILE A 234 -27.59 -4.13 15.07
CA ILE A 234 -28.96 -3.69 15.31
C ILE A 234 -29.88 -4.34 14.27
N GLU A 235 -31.05 -4.74 14.75
CA GLU A 235 -32.08 -5.36 13.93
C GLU A 235 -32.71 -4.30 13.05
N ILE A 236 -32.71 -4.54 11.75
CA ILE A 236 -33.43 -3.74 10.77
C ILE A 236 -34.53 -4.62 10.20
N THR A 237 -35.78 -4.19 10.32
CA THR A 237 -36.93 -4.95 9.88
C THR A 237 -37.46 -4.40 8.55
N LYS A 238 -38.31 -5.19 7.89
CA LYS A 238 -38.81 -4.85 6.57
C LYS A 238 -40.08 -4.02 6.64
N MET A 239 -40.21 -3.06 5.73
CA MET A 239 -41.42 -2.25 5.58
C MET A 239 -42.45 -2.97 4.69
N HIS B 6 -13.22 4.86 32.67
CA HIS B 6 -12.05 5.11 31.82
C HIS B 6 -12.23 6.29 30.85
N HIS B 7 -13.33 6.40 30.11
CA HIS B 7 -14.52 5.53 30.11
C HIS B 7 -14.53 4.66 28.84
N HIS B 8 -15.21 5.23 27.85
CA HIS B 8 -15.24 4.86 26.45
C HIS B 8 -14.10 5.58 25.74
N HIS B 9 -13.77 5.15 24.53
CA HIS B 9 -12.66 5.77 23.81
C HIS B 9 -13.18 6.89 22.91
N SER B 10 -12.75 8.11 23.21
CA SER B 10 -13.05 9.22 22.31
C SER B 10 -12.03 9.14 21.20
N THR B 11 -12.48 8.71 20.03
CA THR B 11 -11.60 8.58 18.89
C THR B 11 -11.18 9.95 18.41
N GLY B 12 -9.93 10.05 17.97
CA GLY B 12 -9.40 11.25 17.34
C GLY B 12 -8.55 10.87 16.15
N CYS B 13 -8.60 11.64 15.07
CA CYS B 13 -7.88 11.28 13.84
C CYS B 13 -6.96 12.39 13.38
N THR B 14 -5.91 12.01 12.68
CA THR B 14 -4.95 12.91 12.06
C THR B 14 -5.22 12.85 10.57
N VAL B 15 -5.84 13.87 10.06
CA VAL B 15 -6.22 13.92 8.67
C VAL B 15 -5.15 14.64 7.87
N GLY B 16 -5.13 14.32 6.59
CA GLY B 16 -4.05 14.69 5.70
C GLY B 16 -3.87 16.18 5.63
N GLY B 17 -2.80 16.58 4.94
CA GLY B 17 -2.06 15.65 4.11
C GLY B 17 -1.02 14.79 4.77
N SER B 18 -0.10 15.40 5.49
CA SER B 18 0.97 14.65 6.13
C SER B 18 1.80 13.86 5.12
N THR B 29 0.50 18.71 -5.16
CA THR B 29 -0.48 18.96 -6.22
C THR B 29 -0.31 18.04 -7.42
N LEU B 30 -1.26 18.15 -8.36
CA LEU B 30 -1.25 17.37 -9.59
C LEU B 30 -0.62 18.18 -10.71
N ASN B 31 0.65 17.89 -11.00
CA ASN B 31 1.37 18.57 -12.07
C ASN B 31 1.31 17.69 -13.31
N PHE B 32 0.53 18.13 -14.30
CA PHE B 32 0.40 17.36 -15.54
C PHE B 32 1.55 17.61 -16.50
N GLY B 33 2.14 18.79 -16.47
CA GLY B 33 3.14 19.16 -17.45
C GLY B 33 2.71 20.30 -18.33
N LYS B 34 2.40 20.00 -19.59
CA LYS B 34 2.04 21.02 -20.57
C LYS B 34 0.81 20.58 -21.33
N THR B 35 -0.12 21.52 -21.50
CA THR B 35 -1.35 21.30 -22.26
C THR B 35 -1.49 22.37 -23.34
N SER B 36 -0.37 22.81 -23.90
CA SER B 36 -0.35 23.79 -24.97
C SER B 36 -0.11 23.08 -26.29
N GLY B 37 -0.84 23.50 -27.32
CA GLY B 37 -0.65 22.89 -28.63
C GLY B 37 -1.34 21.55 -28.70
N THR B 38 -0.59 20.52 -29.10
CA THR B 38 -1.17 19.22 -29.36
C THR B 38 -0.44 18.17 -28.53
N TRP B 39 -1.20 17.16 -28.08
CA TRP B 39 -0.64 16.03 -27.36
C TRP B 39 -1.06 14.73 -28.05
N ASN B 40 -2.36 14.54 -28.24
CA ASN B 40 -2.90 13.35 -28.90
C ASN B 40 -2.64 12.05 -28.12
N ASN B 41 -3.03 12.06 -26.85
CA ASN B 41 -3.06 10.92 -25.93
C ASN B 41 -3.37 11.45 -24.53
N VAL B 42 -3.58 10.59 -23.56
CA VAL B 42 -4.07 11.07 -22.27
C VAL B 42 -2.90 11.35 -21.34
N LEU B 43 -2.95 12.50 -20.66
CA LEU B 43 -1.87 12.95 -19.81
C LEU B 43 -2.03 12.44 -18.38
N THR B 44 -0.93 12.00 -17.78
CA THR B 44 -0.94 11.36 -16.47
C THR B 44 -0.24 12.23 -15.44
N ALA B 45 -0.86 12.40 -14.28
CA ALA B 45 -0.24 13.04 -13.13
C ALA B 45 -0.80 12.40 -11.87
N GLU B 46 0.02 12.31 -10.83
CA GLU B 46 -0.38 11.48 -9.69
C GLU B 46 0.07 12.10 -8.37
N VAL B 47 -0.74 11.80 -7.36
CA VAL B 47 -0.60 12.14 -5.94
C VAL B 47 -1.20 10.98 -5.13
N ALA B 48 -0.40 9.95 -4.85
CA ALA B 48 -0.95 8.71 -4.33
C ALA B 48 -0.19 8.16 -3.12
N THR B 52 6.03 15.92 -4.98
CA THR B 52 4.65 16.38 -4.94
C THR B 52 4.34 17.01 -3.59
N GLY B 53 5.29 16.87 -2.65
CA GLY B 53 5.13 17.37 -1.30
C GLY B 53 4.41 16.43 -0.35
N GLY B 54 4.24 15.16 -0.71
CA GLY B 54 3.45 14.24 0.08
C GLY B 54 1.99 14.24 -0.33
N ASN B 55 1.29 13.19 0.11
CA ASN B 55 -0.08 12.94 -0.31
C ASN B 55 -0.95 12.83 0.93
N ILE B 56 -2.23 12.61 0.71
CA ILE B 56 -3.26 12.73 1.74
C ILE B 56 -3.54 11.37 2.37
N SER B 57 -3.74 11.35 3.70
CA SER B 57 -4.00 10.12 4.43
C SER B 57 -4.63 10.42 5.79
N VAL B 58 -5.54 9.53 6.21
CA VAL B 58 -6.27 9.61 7.47
C VAL B 58 -5.75 8.55 8.43
N THR B 59 -5.40 8.95 9.65
CA THR B 59 -4.96 8.03 10.69
C THR B 59 -5.80 8.27 11.94
N CYS B 60 -6.54 7.25 12.37
CA CYS B 60 -7.34 7.30 13.58
C CYS B 60 -6.70 6.40 14.64
N ASP B 61 -7.27 6.42 15.85
CA ASP B 61 -6.53 5.95 17.00
C ASP B 61 -7.31 5.02 17.93
N GLY B 62 -8.52 4.60 17.58
CA GLY B 62 -9.20 3.64 18.43
C GLY B 62 -8.57 2.25 18.36
N THR B 63 -9.30 1.29 18.90
CA THR B 63 -9.12 -0.09 18.47
C THR B 63 -10.07 -0.40 17.31
N ASP B 64 -11.25 0.23 17.30
CA ASP B 64 -12.21 0.04 16.24
C ASP B 64 -11.71 0.67 14.94
N PRO B 65 -12.23 0.23 13.80
CA PRO B 65 -12.00 0.99 12.57
C PRO B 65 -12.95 2.17 12.56
N VAL B 66 -12.58 3.18 11.78
CA VAL B 66 -13.43 4.35 11.55
C VAL B 66 -13.75 4.42 10.07
N ASP B 67 -15.02 4.36 9.72
CA ASP B 67 -15.43 4.68 8.35
C ASP B 67 -15.31 6.18 8.10
N PHE B 68 -14.89 6.55 6.90
CA PHE B 68 -14.98 7.95 6.47
C PHE B 68 -15.18 8.02 4.96
N THR B 69 -15.27 9.25 4.48
CA THR B 69 -15.83 9.54 3.19
C THR B 69 -15.04 10.68 2.59
N VAL B 70 -14.73 10.58 1.31
CA VAL B 70 -14.01 11.61 0.57
C VAL B 70 -14.81 11.97 -0.66
N ALA B 71 -15.01 13.28 -0.89
CA ALA B 71 -15.70 13.79 -2.06
C ALA B 71 -14.87 14.90 -2.71
N ILE B 72 -14.86 14.95 -4.04
CA ILE B 72 -14.09 15.94 -4.78
C ILE B 72 -15.03 16.75 -5.67
N ASP B 73 -14.85 18.07 -5.69
CA ASP B 73 -15.78 18.98 -6.36
C ASP B 73 -15.44 19.02 -7.86
N GLY B 74 -16.04 19.98 -8.58
CA GLY B 74 -15.82 20.10 -10.01
C GLY B 74 -14.88 21.22 -10.43
N GLY B 75 -14.03 21.67 -9.51
CA GLY B 75 -13.12 22.76 -9.81
C GLY B 75 -13.78 24.12 -9.66
N GLU B 76 -12.97 25.17 -9.89
CA GLU B 76 -13.47 26.53 -9.78
C GLU B 76 -14.58 26.83 -10.78
N ARG B 77 -14.82 25.97 -11.77
CA ARG B 77 -15.84 26.18 -12.78
C ARG B 77 -16.91 25.10 -12.81
N THR B 78 -16.88 24.13 -11.89
CA THR B 78 -17.81 23.01 -11.69
C THR B 78 -17.75 21.96 -12.79
N ASP B 79 -16.87 22.09 -13.76
CA ASP B 79 -16.82 21.15 -14.87
C ASP B 79 -15.46 20.49 -14.98
N ARG B 80 -14.61 20.67 -13.98
CA ARG B 80 -13.25 20.16 -13.98
C ARG B 80 -12.56 20.55 -15.30
N THR B 81 -12.32 21.85 -15.40
CA THR B 81 -11.67 22.48 -16.54
C THR B 81 -10.61 23.44 -16.04
N LEU B 82 -9.38 23.28 -16.52
CA LEU B 82 -8.33 24.28 -16.29
C LEU B 82 -8.61 25.57 -17.06
N LYS B 83 -7.79 26.57 -16.80
CA LYS B 83 -7.85 27.87 -17.47
C LYS B 83 -6.42 28.35 -17.69
N ASN B 84 -6.17 29.02 -18.82
CA ASN B 84 -4.81 29.45 -19.15
C ASN B 84 -4.35 30.60 -18.28
N THR B 85 -5.28 31.36 -17.70
CA THR B 85 -5.09 32.61 -16.95
C THR B 85 -4.99 33.79 -17.92
N ALA B 86 -4.14 33.67 -18.94
CA ALA B 86 -4.04 34.73 -19.93
C ALA B 86 -5.28 34.82 -20.81
N SER B 87 -6.02 33.73 -20.95
CA SER B 87 -7.10 33.67 -21.93
C SER B 87 -8.29 32.91 -21.36
N ALA B 88 -9.33 32.81 -22.19
CA ALA B 88 -10.45 31.92 -21.97
C ALA B 88 -10.15 30.48 -22.40
N ASP B 89 -8.88 30.18 -22.70
CA ASP B 89 -8.47 28.82 -23.05
C ASP B 89 -8.71 27.88 -21.87
N VAL B 90 -9.50 26.82 -22.11
CA VAL B 90 -9.85 25.85 -21.06
C VAL B 90 -9.66 24.45 -21.59
N VAL B 91 -9.18 23.56 -20.72
CA VAL B 91 -9.01 22.14 -21.04
C VAL B 91 -9.54 21.31 -19.87
N ALA B 92 -10.36 20.30 -20.19
CA ALA B 92 -11.06 19.51 -19.18
C ALA B 92 -10.17 18.38 -18.66
N TYR B 93 -10.56 17.85 -17.50
CA TYR B 93 -9.84 16.76 -16.85
C TYR B 93 -10.80 16.00 -15.93
N ASN B 94 -10.26 15.01 -15.24
CA ASN B 94 -10.96 14.19 -14.26
C ASN B 94 -9.92 13.51 -13.37
N VAL B 95 -10.35 13.16 -12.15
CA VAL B 95 -9.50 12.51 -11.16
C VAL B 95 -10.14 11.19 -10.74
N TYR B 96 -9.30 10.25 -10.33
CA TYR B 96 -9.77 8.89 -10.06
C TYR B 96 -9.11 8.34 -8.80
N ARG B 97 -9.75 7.34 -8.20
CA ARG B 97 -9.26 6.74 -6.96
C ARG B 97 -8.21 5.66 -7.21
N ASP B 98 -8.33 4.92 -8.31
CA ASP B 98 -7.42 3.86 -8.66
C ASP B 98 -6.59 4.31 -9.85
N ALA B 99 -5.35 3.80 -9.93
CA ALA B 99 -4.47 4.16 -11.06
C ALA B 99 -5.11 3.80 -12.40
N ALA B 100 -5.75 2.63 -12.49
CA ALA B 100 -6.44 2.15 -13.68
C ALA B 100 -7.55 3.07 -14.17
N ARG B 101 -8.00 4.03 -13.36
CA ARG B 101 -9.01 5.02 -13.75
C ARG B 101 -10.37 4.40 -14.03
N THR B 102 -10.69 3.28 -13.35
CA THR B 102 -12.02 2.71 -13.45
C THR B 102 -13.00 3.36 -12.50
N ASN B 103 -12.51 4.03 -11.47
CA ASN B 103 -13.35 4.55 -10.40
C ASN B 103 -13.26 6.07 -10.39
N LEU B 104 -14.24 6.71 -11.01
CA LEU B 104 -14.26 8.17 -11.09
C LEU B 104 -14.66 8.74 -9.74
N TYR B 105 -13.91 9.74 -9.28
CA TYR B 105 -14.37 10.61 -8.20
C TYR B 105 -15.48 11.46 -8.82
N VAL B 106 -16.68 10.87 -8.92
CA VAL B 106 -17.78 11.61 -9.51
C VAL B 106 -18.08 12.85 -8.67
N VAL B 107 -18.30 13.98 -9.35
CA VAL B 107 -18.34 15.31 -8.76
C VAL B 107 -19.31 15.38 -7.58
N ASN B 108 -18.79 15.73 -6.40
CA ASN B 108 -19.57 15.90 -5.18
C ASN B 108 -20.29 14.63 -4.72
N GLN B 109 -19.89 13.45 -5.24
CA GLN B 109 -20.44 12.19 -4.76
C GLN B 109 -19.43 11.46 -3.89
N PRO B 110 -19.76 11.09 -2.66
CA PRO B 110 -18.75 10.57 -1.73
C PRO B 110 -18.39 9.12 -1.99
N GLN B 111 -17.11 8.81 -1.82
CA GLN B 111 -16.62 7.45 -1.82
C GLN B 111 -16.23 6.98 -0.42
N GLN B 112 -16.55 5.73 -0.11
CA GLN B 112 -16.35 5.20 1.23
C GLN B 112 -14.89 4.82 1.46
N PHE B 113 -14.40 5.11 2.65
CA PHE B 113 -13.08 4.67 3.10
C PHE B 113 -13.21 4.05 4.48
N THR B 114 -12.14 3.37 4.90
CA THR B 114 -12.09 2.79 6.24
C THR B 114 -10.64 2.81 6.70
N THR B 115 -10.44 2.89 8.01
CA THR B 115 -9.13 2.87 8.63
C THR B 115 -8.94 1.54 9.31
N VAL B 116 -7.75 0.97 9.19
CA VAL B 116 -7.42 -0.20 9.99
C VAL B 116 -6.57 0.26 11.15
N SER B 117 -6.86 -0.26 12.33
CA SER B 117 -6.28 0.21 13.57
C SER B 117 -4.75 0.28 13.51
N GLY B 118 -4.21 1.48 13.69
CA GLY B 118 -2.78 1.72 13.70
C GLY B 118 -2.09 1.80 12.36
N GLN B 119 -2.84 1.93 11.26
CA GLN B 119 -2.26 2.18 9.95
C GLN B 119 -2.97 3.36 9.31
N ALA B 120 -2.22 4.12 8.51
CA ALA B 120 -2.78 5.23 7.77
C ALA B 120 -3.49 4.74 6.52
N THR B 121 -4.64 5.33 6.24
CA THR B 121 -5.38 5.08 5.00
C THR B 121 -5.09 6.19 3.99
N ALA B 122 -4.53 5.82 2.85
CA ALA B 122 -4.26 6.81 1.83
C ALA B 122 -5.55 7.25 1.16
N VAL B 123 -5.58 8.52 0.75
CA VAL B 123 -6.63 9.01 -0.12
C VAL B 123 -5.99 9.28 -1.46
N PRO B 124 -5.88 8.29 -2.33
CA PRO B 124 -5.19 8.48 -3.61
C PRO B 124 -6.05 9.23 -4.60
N ILE B 125 -5.37 10.02 -5.43
CA ILE B 125 -6.00 10.83 -6.49
C ILE B 125 -5.12 10.70 -7.72
N PHE B 126 -5.62 10.01 -8.75
CA PHE B 126 -4.93 9.89 -10.02
C PHE B 126 -5.63 10.75 -11.08
N GLY B 127 -4.84 11.49 -11.87
CA GLY B 127 -5.38 12.44 -12.85
C GLY B 127 -5.16 12.08 -14.31
N ALA B 128 -5.96 12.68 -15.20
CA ALA B 128 -5.94 12.35 -16.63
C ALA B 128 -6.58 13.47 -17.46
N ILE B 129 -6.24 13.49 -18.76
CA ILE B 129 -6.91 14.37 -19.73
C ILE B 129 -7.54 13.58 -20.87
N ASN B 132 -5.15 16.84 -29.15
CA ASN B 132 -6.48 16.99 -29.73
C ASN B 132 -6.51 16.41 -31.14
N THR B 135 -8.10 20.67 -32.12
CA THR B 135 -7.92 22.12 -32.02
C THR B 135 -6.92 22.50 -30.90
N PRO B 136 -5.63 22.63 -31.26
CA PRO B 136 -4.62 22.98 -30.24
C PRO B 136 -4.84 24.38 -29.65
N LYS B 137 -4.37 24.59 -28.40
CA LYS B 137 -4.66 25.84 -27.67
C LYS B 137 -3.46 26.68 -27.24
N ALA B 138 -2.24 26.16 -27.25
CA ALA B 138 -1.06 26.89 -26.75
C ALA B 138 -1.25 27.37 -25.31
N GLY B 140 0.34 28.81 -22.24
CA GLY B 140 1.56 28.33 -21.61
C GLY B 140 1.41 27.55 -20.30
N ASP B 141 0.58 28.06 -19.38
CA ASP B 141 0.40 27.51 -18.03
C ASP B 141 -1.08 27.61 -17.65
N TYR B 142 -1.73 26.47 -17.42
CA TYR B 142 -3.14 26.39 -17.06
C TYR B 142 -3.31 25.99 -15.60
N LYS B 143 -4.47 26.32 -15.01
CA LYS B 143 -4.68 26.07 -13.58
C LYS B 143 -6.12 25.69 -13.23
N ASP B 144 -6.25 24.98 -12.12
CA ASP B 144 -7.54 24.80 -11.42
C ASP B 144 -7.24 24.37 -9.98
N THR B 145 -8.27 24.45 -9.13
CA THR B 145 -8.19 24.09 -7.72
C THR B 145 -9.40 23.24 -7.33
N LEU B 146 -9.14 22.08 -6.72
CA LEU B 146 -10.17 21.11 -6.34
C LEU B 146 -10.44 21.14 -4.84
N LEU B 147 -11.72 21.07 -4.47
CA LEU B 147 -12.11 20.99 -3.07
C LEU B 147 -12.28 19.52 -2.69
N VAL B 148 -11.48 19.07 -1.74
CA VAL B 148 -11.47 17.69 -1.29
C VAL B 148 -12.09 17.68 0.09
N THR B 149 -13.29 17.11 0.22
CA THR B 149 -13.98 17.01 1.51
C THR B 149 -13.79 15.62 2.10
N VAL B 150 -13.29 15.56 3.34
CA VAL B 150 -13.15 14.34 4.10
C VAL B 150 -14.18 14.38 5.22
N ASN B 151 -15.09 13.41 5.24
CA ASN B 151 -16.20 13.41 6.18
C ASN B 151 -16.18 12.17 7.06
N PHE B 152 -16.27 12.38 8.37
CA PHE B 152 -16.39 11.31 9.34
C PHE B 152 -17.81 11.10 9.87
N ALA C 1 21.76 3.35 2.70
CA ALA C 1 22.28 4.10 1.54
C ALA C 1 21.55 3.74 0.22
N THR C 2 21.92 4.41 -0.88
CA THR C 2 21.24 4.24 -2.17
C THR C 2 22.28 4.04 -3.26
N PHE C 3 22.11 2.97 -4.05
CA PHE C 3 23.07 2.59 -5.10
C PHE C 3 22.37 2.35 -6.42
N LEU C 4 22.93 2.90 -7.49
CA LEU C 4 22.61 2.47 -8.85
C LEU C 4 23.65 1.46 -9.33
N ILE C 5 23.18 0.31 -9.81
CA ILE C 5 24.02 -0.79 -10.28
C ILE C 5 23.81 -0.97 -11.78
N TRP C 6 24.90 -0.97 -12.57
CA TRP C 6 24.81 -1.16 -14.04
C TRP C 6 26.04 -1.85 -14.61
N PRO C 7 25.88 -2.97 -15.35
CA PRO C 7 24.63 -3.67 -15.65
C PRO C 7 24.22 -4.69 -14.61
N ILE C 8 22.91 -4.92 -14.50
CA ILE C 8 22.38 -5.87 -13.53
C ILE C 8 22.62 -7.30 -13.96
N TYR C 9 22.91 -7.52 -15.25
CA TYR C 9 23.11 -8.84 -15.81
C TYR C 9 24.49 -8.94 -16.47
N PRO C 10 25.57 -8.69 -15.71
CA PRO C 10 26.90 -8.62 -16.31
C PRO C 10 27.34 -9.99 -16.81
N LYS C 11 28.21 -9.99 -17.82
CA LYS C 11 28.76 -11.22 -18.35
C LYS C 11 30.16 -10.96 -18.89
N ILE C 12 30.98 -12.02 -18.93
CA ILE C 12 32.29 -12.01 -19.57
C ILE C 12 32.34 -13.06 -20.68
N GLU C 13 32.61 -12.61 -21.89
CA GLU C 13 32.58 -13.53 -23.02
C GLU C 13 33.89 -14.32 -23.09
N ALA C 14 33.86 -15.39 -23.90
CA ALA C 14 35.07 -16.20 -24.06
C ALA C 14 36.24 -15.35 -24.55
N ASN C 15 35.98 -14.40 -25.45
CA ASN C 15 37.03 -13.58 -26.03
C ASN C 15 37.38 -12.35 -25.20
N GLU C 16 36.76 -12.18 -24.04
CA GLU C 16 37.06 -11.08 -23.13
C GLU C 16 37.86 -11.61 -21.94
N LYS C 17 38.68 -10.76 -21.34
CA LYS C 17 39.36 -11.13 -20.11
C LYS C 17 38.82 -10.42 -18.88
N ALA C 18 37.92 -9.47 -19.06
CA ALA C 18 37.43 -8.67 -17.95
C ALA C 18 36.16 -7.96 -18.38
N THR C 19 35.37 -7.59 -17.40
CA THR C 19 34.22 -6.74 -17.65
C THR C 19 34.14 -5.75 -16.49
N ALA C 20 33.25 -4.79 -16.61
CA ALA C 20 33.09 -3.76 -15.60
C ALA C 20 31.64 -3.70 -15.17
N VAL C 21 31.40 -3.66 -13.86
CA VAL C 21 30.11 -3.29 -13.30
C VAL C 21 30.28 -1.97 -12.58
N TRP C 22 29.37 -1.02 -12.84
CA TRP C 22 29.46 0.29 -12.25
C TRP C 22 28.53 0.40 -11.04
N LEU C 23 29.07 0.89 -9.93
CA LEU C 23 28.36 1.09 -8.67
C LEU C 23 28.41 2.57 -8.36
N GLN C 24 27.25 3.23 -8.29
CA GLN C 24 27.24 4.65 -8.00
C GLN C 24 26.37 4.94 -6.79
N ASN C 25 26.90 5.74 -5.87
CA ASN C 25 26.22 6.10 -4.63
C ASN C 25 25.33 7.29 -4.92
N THR C 26 24.06 7.05 -5.15
CA THR C 26 23.16 8.16 -5.39
C THR C 26 22.51 8.67 -4.13
N GLY C 27 23.02 8.26 -2.97
CA GLY C 27 22.55 8.78 -1.71
C GLY C 27 23.18 10.11 -1.37
N LYS C 28 22.72 10.67 -0.26
CA LYS C 28 23.28 11.89 0.30
C LYS C 28 24.37 11.59 1.33
N THR C 29 24.62 10.32 1.63
CA THR C 29 25.52 9.94 2.70
C THR C 29 26.60 9.01 2.13
N ASP C 30 27.83 9.16 2.64
CA ASP C 30 28.92 8.28 2.20
C ASP C 30 28.64 6.84 2.58
N ALA C 31 29.28 5.92 1.86
CA ALA C 31 29.04 4.50 2.04
C ALA C 31 30.34 3.73 1.82
N MET C 32 30.41 2.55 2.43
CA MET C 32 31.59 1.70 2.25
C MET C 32 31.14 0.27 1.97
N VAL C 33 31.71 -0.35 0.93
CA VAL C 33 31.20 -1.64 0.46
C VAL C 33 32.30 -2.67 0.27
N GLN C 34 31.96 -3.92 0.52
CA GLN C 34 32.82 -5.07 0.25
C GLN C 34 32.29 -5.79 -0.99
N ILE C 35 33.18 -6.02 -1.95
CA ILE C 35 32.85 -6.64 -3.23
C ILE C 35 33.40 -8.07 -3.22
N ARG C 36 32.56 -9.04 -3.57
CA ARG C 36 32.97 -10.43 -3.57
C ARG C 36 32.21 -11.15 -4.67
N VAL C 37 32.89 -12.08 -5.34
CA VAL C 37 32.29 -12.89 -6.40
C VAL C 37 32.41 -14.34 -5.99
N PHE C 38 31.28 -14.99 -5.79
CA PHE C 38 31.24 -16.40 -5.41
C PHE C 38 30.90 -17.28 -6.60
N LYS C 39 31.43 -18.51 -6.60
CA LYS C 39 30.93 -19.44 -7.60
C LYS C 39 29.56 -19.94 -7.16
N TRP C 40 28.69 -20.15 -8.13
CA TRP C 40 27.27 -20.40 -7.91
C TRP C 40 26.89 -21.73 -8.55
N ASN C 41 26.39 -22.67 -7.74
CA ASN C 41 25.90 -23.94 -8.27
C ASN C 41 24.55 -24.32 -7.64
N GLN C 42 23.84 -25.22 -8.32
CA GLN C 42 22.56 -25.74 -7.86
C GLN C 42 22.61 -27.24 -7.58
N ASP C 43 23.80 -27.77 -7.30
CA ASP C 43 23.95 -29.13 -6.80
C ASP C 43 23.08 -29.34 -5.56
N GLY C 44 22.59 -30.56 -5.40
CA GLY C 44 21.68 -30.85 -4.31
C GLY C 44 20.39 -30.06 -4.40
N LEU C 45 19.91 -29.79 -5.62
CA LEU C 45 18.59 -29.23 -5.87
C LEU C 45 18.37 -27.88 -5.18
N LYS C 46 19.43 -27.27 -4.65
CA LYS C 46 19.36 -26.00 -3.92
C LYS C 46 20.49 -25.09 -4.39
N ASP C 47 20.41 -23.80 -4.03
CA ASP C 47 21.37 -22.79 -4.46
C ASP C 47 22.55 -22.70 -3.49
N ASN C 48 23.75 -23.03 -3.97
CA ASN C 48 24.97 -22.99 -3.16
C ASN C 48 25.98 -22.00 -3.74
N TYR C 49 26.83 -21.49 -2.87
CA TYR C 49 27.85 -20.50 -3.24
C TYR C 49 29.15 -20.89 -2.56
N SER C 50 30.26 -20.77 -3.28
CA SER C 50 31.55 -21.20 -2.74
C SER C 50 32.65 -20.20 -3.10
N GLU C 51 33.68 -20.11 -2.25
CA GLU C 51 34.82 -19.30 -2.63
C GLU C 51 35.38 -19.78 -3.96
N GLN C 52 36.14 -18.92 -4.59
CA GLN C 52 36.38 -19.08 -6.02
C GLN C 52 37.46 -18.09 -6.41
N SER C 53 38.36 -18.52 -7.32
CA SER C 53 39.38 -17.61 -7.83
C SER C 53 39.35 -17.47 -9.35
N GLU C 54 38.28 -17.93 -10.03
CA GLU C 54 38.24 -17.83 -11.49
C GLU C 54 37.98 -16.40 -11.98
N ILE C 55 37.11 -15.66 -11.28
CA ILE C 55 36.77 -14.26 -11.57
C ILE C 55 37.11 -13.44 -10.33
N ILE C 56 38.04 -12.51 -10.45
CA ILE C 56 38.52 -11.76 -9.29
C ILE C 56 37.94 -10.35 -9.37
N PRO C 57 37.13 -9.94 -8.40
CA PRO C 57 36.60 -8.58 -8.39
C PRO C 57 37.63 -7.61 -7.85
N SER C 58 37.88 -6.53 -8.59
CA SER C 58 38.75 -5.46 -8.14
C SER C 58 38.01 -4.13 -8.19
N PRO C 59 37.97 -3.37 -7.10
CA PRO C 59 38.58 -3.67 -5.79
C PRO C 59 37.71 -4.61 -4.96
N PRO C 60 38.31 -5.30 -3.98
CA PRO C 60 37.49 -6.06 -3.02
C PRO C 60 36.76 -5.19 -2.01
N VAL C 61 37.22 -3.94 -1.80
CA VAL C 61 36.56 -2.98 -0.91
C VAL C 61 36.67 -1.59 -1.52
N ALA C 62 35.61 -0.80 -1.38
CA ALA C 62 35.59 0.55 -1.91
C ALA C 62 35.04 1.50 -0.88
N LYS C 63 35.56 2.72 -0.89
CA LYS C 63 34.99 3.83 -0.15
C LYS C 63 34.26 4.67 -1.19
N ILE C 64 32.94 4.51 -1.28
CA ILE C 64 32.13 5.17 -2.29
C ILE C 64 31.40 6.34 -1.62
N LYS C 65 31.95 7.53 -1.77
CA LYS C 65 31.32 8.74 -1.26
C LYS C 65 30.01 9.01 -1.99
N ALA C 66 29.25 9.95 -1.46
CA ALA C 66 27.96 10.28 -2.06
C ALA C 66 28.16 10.84 -3.47
N GLY C 67 27.38 10.31 -4.42
CA GLY C 67 27.45 10.75 -5.79
C GLY C 67 28.56 10.14 -6.58
N GLU C 68 29.55 9.53 -5.93
CA GLU C 68 30.66 8.90 -6.63
C GLU C 68 30.20 7.68 -7.41
N LYS C 69 30.81 7.48 -8.57
CA LYS C 69 30.57 6.32 -9.41
C LYS C 69 31.88 5.52 -9.50
N HIS C 70 31.83 4.27 -9.07
CA HIS C 70 33.01 3.42 -8.97
C HIS C 70 33.02 2.33 -10.03
N MET C 71 34.19 2.00 -10.53
CA MET C 71 34.35 0.88 -11.47
C MET C 71 34.66 -0.38 -10.69
N LEU C 72 33.83 -1.41 -10.88
CA LEU C 72 34.09 -2.75 -10.39
C LEU C 72 34.64 -3.57 -11.55
N ARG C 73 35.93 -3.86 -11.52
CA ARG C 73 36.54 -4.71 -12.54
C ARG C 73 36.36 -6.17 -12.13
N LEU C 74 35.75 -6.95 -13.00
CA LEU C 74 35.71 -8.39 -12.83
C LEU C 74 36.71 -8.98 -13.81
N THR C 75 37.73 -9.63 -13.30
CA THR C 75 38.81 -10.11 -14.15
C THR C 75 38.77 -11.61 -14.22
N LYS C 76 38.78 -12.15 -15.44
CA LYS C 76 38.83 -13.58 -15.68
C LYS C 76 40.28 -14.04 -15.59
N SER C 77 40.61 -14.79 -14.53
CA SER C 77 42.01 -15.12 -14.27
C SER C 77 42.61 -15.93 -15.41
N VAL C 78 41.90 -16.98 -15.84
CA VAL C 78 42.39 -17.87 -16.88
C VAL C 78 41.25 -18.22 -17.79
N ASN C 79 41.58 -18.74 -18.96
CA ASN C 79 40.56 -19.16 -19.91
C ASN C 79 39.79 -20.35 -19.36
N LEU C 80 38.46 -20.30 -19.51
CA LEU C 80 37.55 -21.18 -18.81
C LEU C 80 37.23 -22.41 -19.68
N PRO C 81 36.75 -23.50 -19.06
CA PRO C 81 36.50 -24.74 -19.81
C PRO C 81 35.75 -24.51 -21.11
N ASP C 82 36.19 -25.22 -22.16
CA ASP C 82 35.62 -25.05 -23.49
C ASP C 82 34.13 -25.44 -23.50
N GLY C 83 33.32 -24.60 -24.14
CA GLY C 83 31.93 -24.90 -24.40
C GLY C 83 30.98 -24.82 -23.23
N LYS C 84 31.45 -24.45 -22.03
CA LYS C 84 30.58 -24.43 -20.87
C LYS C 84 30.29 -22.98 -20.46
N GLU C 85 29.23 -22.81 -19.65
CA GLU C 85 28.87 -21.51 -19.10
C GLU C 85 29.03 -21.57 -17.58
N GLN C 86 29.95 -20.79 -17.05
CA GLN C 86 30.18 -20.70 -15.61
C GLN C 86 29.26 -19.68 -14.95
N SER C 87 28.91 -19.94 -13.70
CA SER C 87 27.83 -19.24 -13.00
C SER C 87 28.32 -18.67 -11.67
N TYR C 88 28.12 -17.38 -11.45
CA TYR C 88 28.60 -16.74 -10.23
C TYR C 88 27.58 -15.73 -9.76
N ARG C 89 27.74 -15.28 -8.53
CA ARG C 89 27.02 -14.13 -8.03
C ARG C 89 28.04 -13.08 -7.61
N LEU C 90 27.88 -11.87 -8.10
CA LEU C 90 28.58 -10.73 -7.54
C LEU C 90 27.81 -10.31 -6.31
N ILE C 91 28.50 -10.14 -5.19
CA ILE C 91 27.87 -9.80 -3.92
C ILE C 91 28.49 -8.50 -3.42
N VAL C 92 27.65 -7.47 -3.27
CA VAL C 92 28.02 -6.17 -2.74
C VAL C 92 27.42 -6.02 -1.35
N ASP C 93 28.25 -5.97 -0.33
CA ASP C 93 27.81 -5.83 1.05
C ASP C 93 28.07 -4.40 1.53
N GLU C 94 27.03 -3.76 2.05
CA GLU C 94 27.14 -2.41 2.61
C GLU C 94 27.59 -2.53 4.06
N LEU C 95 28.76 -2.03 4.35
CA LEU C 95 29.33 -2.00 5.69
C LEU C 95 28.95 -0.71 6.43
N PRO C 96 28.80 -0.78 7.75
CA PRO C 96 28.69 0.41 8.62
C PRO C 96 29.99 1.23 8.72
N SER C 108 14.58 1.32 22.00
CA SER C 108 14.72 -0.08 21.54
C SER C 108 14.50 -0.25 19.99
N LYS C 109 15.60 -0.31 19.22
CA LYS C 109 15.60 -0.13 17.76
C LYS C 109 16.15 -1.36 17.03
N VAL C 110 15.78 -1.51 15.75
CA VAL C 110 16.35 -2.54 14.88
C VAL C 110 16.64 -1.92 13.52
N SER C 111 17.89 -1.99 13.08
CA SER C 111 18.35 -1.31 11.87
C SER C 111 18.80 -2.33 10.84
N PHE C 112 18.83 -1.90 9.59
CA PHE C 112 19.07 -2.78 8.46
C PHE C 112 20.47 -2.64 7.90
N GLN C 113 20.94 -3.75 7.32
CA GLN C 113 22.17 -3.78 6.54
C GLN C 113 21.87 -4.47 5.23
N MET C 114 22.15 -3.78 4.11
CA MET C 114 21.80 -4.26 2.78
C MET C 114 22.86 -5.14 2.16
N ARG C 115 22.42 -6.17 1.43
CA ARG C 115 23.29 -6.92 0.53
C ARG C 115 22.66 -6.96 -0.85
N TYR C 116 23.46 -6.67 -1.86
CA TYR C 116 23.02 -6.69 -3.23
C TYR C 116 23.73 -7.83 -3.94
N SER C 117 22.97 -8.65 -4.64
CA SER C 117 23.49 -9.86 -5.25
C SER C 117 23.03 -9.89 -6.70
N ILE C 118 23.99 -9.90 -7.63
CA ILE C 118 23.63 -9.90 -9.04
C ILE C 118 24.32 -11.07 -9.73
N PRO C 119 23.73 -11.64 -10.77
CA PRO C 119 24.32 -12.83 -11.37
C PRO C 119 25.37 -12.48 -12.42
N LEU C 120 26.46 -13.25 -12.40
CA LEU C 120 27.57 -13.09 -13.32
C LEU C 120 27.73 -14.39 -14.10
N PHE C 121 28.03 -14.27 -15.40
CA PHE C 121 28.15 -15.43 -16.29
C PHE C 121 29.32 -15.22 -17.22
N ALA C 122 30.14 -16.26 -17.38
CA ALA C 122 31.39 -16.15 -18.13
C ALA C 122 31.56 -17.41 -18.95
N TYR C 123 32.17 -17.28 -20.12
CA TYR C 123 32.01 -18.33 -21.10
C TYR C 123 33.36 -18.87 -21.57
N GLY C 124 33.36 -20.15 -21.88
CA GLY C 124 34.47 -20.77 -22.56
C GLY C 124 34.33 -20.69 -24.06
N LYS C 125 35.35 -21.22 -24.74
CA LYS C 125 35.39 -21.27 -26.20
C LYS C 125 34.09 -21.85 -26.76
N GLY C 126 33.57 -21.20 -27.80
CA GLY C 126 32.47 -21.75 -28.57
C GLY C 126 31.07 -21.50 -28.05
N ILE C 127 30.90 -20.64 -27.05
CA ILE C 127 29.58 -20.35 -26.49
C ILE C 127 29.62 -18.97 -25.86
N GLY C 128 28.46 -18.37 -25.63
CA GLY C 128 28.46 -17.01 -25.11
C GLY C 128 27.09 -16.55 -24.67
N SER C 129 27.04 -15.27 -24.27
CA SER C 129 25.83 -14.75 -23.65
C SER C 129 24.64 -14.78 -24.61
N GLY C 130 24.88 -14.50 -25.88
CA GLY C 130 23.80 -14.22 -26.80
C GLY C 130 23.30 -12.79 -26.76
N LEU C 131 23.86 -11.95 -25.91
CA LEU C 131 23.43 -10.55 -25.88
C LEU C 131 24.17 -9.67 -26.87
N THR C 132 25.01 -10.25 -27.71
CA THR C 132 25.70 -9.49 -28.73
C THR C 132 25.57 -10.22 -30.05
N GLU C 133 25.78 -9.49 -31.13
CA GLU C 133 25.73 -10.13 -32.44
C GLU C 133 26.81 -11.19 -32.54
N GLU C 134 28.02 -10.84 -32.12
CA GLU C 134 29.15 -11.75 -32.17
C GLU C 134 28.84 -13.06 -31.46
N SER C 135 28.14 -13.00 -30.31
CA SER C 135 27.92 -14.22 -29.55
C SER C 135 26.66 -14.94 -30.00
N GLN C 136 25.68 -14.21 -30.54
CA GLN C 136 24.55 -14.88 -31.20
C GLN C 136 25.04 -15.81 -32.30
N LYS C 137 25.94 -15.32 -33.16
CA LYS C 137 26.44 -16.14 -34.24
C LYS C 137 27.20 -17.36 -33.72
N LEU C 138 27.98 -17.18 -32.66
CA LEU C 138 28.65 -18.31 -32.03
C LEU C 138 27.65 -19.35 -31.55
N ASN C 139 26.60 -18.91 -30.87
CA ASN C 139 25.65 -19.83 -30.25
C ASN C 139 24.75 -20.52 -31.26
N ALA C 140 24.65 -19.97 -32.47
CA ALA C 140 23.91 -20.61 -33.54
C ALA C 140 24.62 -21.87 -34.03
N LYS C 141 25.95 -21.86 -33.98
CA LYS C 141 26.78 -23.02 -34.31
C LYS C 141 26.75 -24.08 -33.24
N ASN C 142 26.07 -23.85 -32.11
CA ASN C 142 26.15 -24.74 -30.96
C ASN C 142 24.74 -25.13 -30.55
N ALA C 143 24.42 -26.42 -30.68
CA ALA C 143 23.07 -26.92 -30.42
C ALA C 143 22.74 -27.06 -28.94
N LEU C 144 23.73 -26.94 -28.05
CA LEU C 144 23.45 -26.94 -26.62
C LEU C 144 23.64 -25.58 -25.98
N ALA C 145 23.91 -24.54 -26.78
CA ALA C 145 24.10 -23.18 -26.27
C ALA C 145 22.75 -22.51 -25.98
N LYS C 146 22.00 -23.14 -25.11
CA LYS C 146 20.62 -22.76 -24.85
C LYS C 146 20.16 -23.51 -23.62
N PRO C 147 19.19 -23.03 -22.87
CA PRO C 147 18.60 -23.87 -21.84
C PRO C 147 17.73 -24.91 -22.49
N VAL C 148 17.68 -26.09 -21.89
CA VAL C 148 16.95 -27.23 -22.44
C VAL C 148 16.32 -27.93 -21.25
N LEU C 149 15.07 -27.58 -20.96
CA LEU C 149 14.44 -27.83 -19.67
C LEU C 149 13.51 -29.03 -19.71
N GLN C 150 13.58 -29.85 -18.66
CA GLN C 150 12.61 -30.90 -18.40
C GLN C 150 12.00 -30.71 -17.02
N TRP C 151 10.86 -31.34 -16.79
CA TRP C 151 10.13 -31.16 -15.54
C TRP C 151 9.55 -32.48 -15.07
N SER C 152 9.12 -32.47 -13.80
CA SER C 152 8.35 -33.53 -13.17
C SER C 152 7.99 -33.06 -11.76
N VAL C 153 6.82 -33.48 -11.29
CA VAL C 153 6.38 -33.24 -9.92
C VAL C 153 6.44 -34.57 -9.16
N ARG C 154 6.82 -34.51 -7.89
CA ARG C 154 7.06 -35.68 -7.04
C ARG C 154 6.81 -35.27 -5.59
N ASN C 155 6.15 -36.13 -4.83
CA ASN C 155 5.77 -35.81 -3.47
C ASN C 155 6.88 -36.13 -2.48
N ASN C 156 6.89 -35.39 -1.38
CA ASN C 156 7.93 -35.46 -0.36
C ASN C 156 7.90 -36.82 0.35
N GLN C 157 8.88 -37.02 1.22
CA GLN C 157 8.72 -37.99 2.28
C GLN C 157 7.70 -37.49 3.29
N GLN C 158 7.57 -36.17 3.42
CA GLN C 158 6.63 -35.53 4.34
C GLN C 158 5.24 -35.35 3.73
N GLY C 159 5.13 -35.33 2.40
CA GLY C 159 3.86 -35.19 1.73
C GLY C 159 3.69 -33.90 0.95
N GLN C 160 4.64 -32.96 1.06
CA GLN C 160 4.58 -31.73 0.29
C GLN C 160 4.95 -32.01 -1.17
N SER C 161 4.18 -31.43 -2.09
CA SER C 161 4.42 -31.60 -3.52
C SER C 161 5.43 -30.56 -4.03
N GLU C 162 6.49 -31.03 -4.67
CA GLU C 162 7.53 -30.14 -5.16
C GLU C 162 7.82 -30.41 -6.63
N LEU C 163 8.12 -29.33 -7.38
CA LEU C 163 8.34 -29.37 -8.82
C LEU C 163 9.83 -29.38 -9.12
N TYR C 164 10.23 -30.29 -9.99
CA TYR C 164 11.62 -30.44 -10.41
C TYR C 164 11.79 -29.89 -11.82
N LEU C 165 12.70 -28.93 -12.00
CA LEU C 165 13.09 -28.45 -13.32
C LEU C 165 14.55 -28.78 -13.57
N LYS C 166 14.85 -29.47 -14.68
CA LYS C 166 16.21 -29.92 -14.97
C LYS C 166 16.71 -29.36 -16.28
N ASN C 167 17.84 -28.64 -16.24
CA ASN C 167 18.41 -27.96 -17.40
C ASN C 167 19.50 -28.83 -18.02
N ASN C 168 19.19 -29.49 -19.14
CA ASN C 168 20.19 -30.32 -19.80
C ASN C 168 21.11 -29.53 -20.71
N GLY C 169 20.81 -28.25 -20.95
CA GLY C 169 21.61 -27.44 -21.84
C GLY C 169 22.84 -26.83 -21.18
N GLN C 170 23.60 -26.10 -22.00
CA GLN C 170 24.83 -25.45 -21.59
C GLN C 170 24.60 -24.03 -21.08
N LYS C 171 23.43 -23.45 -21.27
CA LYS C 171 23.14 -22.12 -20.77
C LYS C 171 22.06 -22.20 -19.71
N PHE C 172 22.01 -21.18 -18.86
CA PHE C 172 20.96 -21.11 -17.86
C PHE C 172 19.63 -20.67 -18.47
N ALA C 173 18.58 -20.83 -17.68
CA ALA C 173 17.30 -20.21 -17.94
C ALA C 173 16.91 -19.40 -16.72
N ARG C 174 16.25 -18.29 -16.97
CA ARG C 174 15.74 -17.41 -15.92
C ARG C 174 14.24 -17.30 -16.17
N LEU C 175 13.44 -17.95 -15.33
CA LEU C 175 12.01 -18.12 -15.56
C LEU C 175 11.20 -17.20 -14.66
N SER C 176 10.22 -16.52 -15.25
CA SER C 176 9.29 -15.67 -14.51
C SER C 176 7.92 -16.30 -14.31
N ALA C 177 7.57 -17.34 -15.09
CA ALA C 177 6.27 -17.99 -15.00
C ALA C 177 6.34 -19.31 -15.74
N LEU C 178 5.36 -20.18 -15.46
CA LEU C 178 5.14 -21.36 -16.28
C LEU C 178 3.72 -21.30 -16.84
N LYS C 179 3.58 -21.73 -18.08
CA LYS C 179 2.31 -21.79 -18.78
C LYS C 179 2.02 -23.23 -19.17
N THR C 180 0.74 -23.56 -19.23
CA THR C 180 0.39 -24.93 -19.56
C THR C 180 0.25 -25.14 -21.07
N SER C 181 0.14 -24.05 -21.83
CA SER C 181 0.12 -24.07 -23.29
C SER C 181 0.81 -22.82 -23.80
N LYS C 182 1.15 -22.81 -25.09
CA LYS C 182 1.96 -21.70 -25.64
C LYS C 182 1.17 -20.40 -25.67
N THR C 183 -0.16 -20.49 -25.75
CA THR C 183 -1.03 -19.33 -25.77
C THR C 183 -1.77 -19.14 -24.45
N GLY C 184 -1.61 -20.06 -23.50
CA GLY C 184 -2.31 -19.98 -22.24
C GLY C 184 -1.80 -18.85 -21.37
N ASN C 185 -2.36 -18.78 -20.17
CA ASN C 185 -1.88 -17.84 -19.17
C ASN C 185 -1.02 -18.55 -18.14
N ASP C 186 -0.20 -17.75 -17.44
CA ASP C 186 0.69 -18.26 -16.42
C ASP C 186 -0.10 -19.00 -15.36
N ILE C 187 0.39 -20.17 -14.95
CA ILE C 187 -0.29 -20.92 -13.90
C ILE C 187 0.10 -20.35 -12.54
N SER C 188 -0.69 -20.69 -11.51
CA SER C 188 -0.45 -20.14 -10.18
C SER C 188 0.51 -21.03 -9.42
N LEU C 189 1.81 -20.76 -9.58
CA LEU C 189 2.77 -21.18 -8.58
C LEU C 189 2.49 -20.35 -7.34
N GLY C 190 2.22 -21.01 -6.22
CA GLY C 190 1.75 -20.29 -5.04
C GLY C 190 2.72 -19.18 -4.64
N LYS C 191 3.70 -19.53 -3.82
CA LYS C 191 4.90 -18.73 -3.74
C LYS C 191 5.95 -19.50 -4.51
N ALA C 192 6.64 -20.45 -3.89
CA ALA C 192 7.70 -21.21 -4.54
C ALA C 192 8.85 -20.27 -4.92
N ALA C 193 10.02 -20.52 -4.35
CA ALA C 193 11.23 -19.83 -4.77
C ALA C 193 11.70 -20.47 -6.07
N PHE C 194 11.51 -19.77 -7.18
CA PHE C 194 12.09 -20.26 -8.42
C PHE C 194 12.30 -19.10 -9.36
N GLY C 195 13.04 -19.39 -10.43
CA GLY C 195 13.50 -18.41 -11.38
C GLY C 195 14.69 -18.94 -12.16
N TYR C 196 15.82 -19.14 -11.50
CA TYR C 196 17.00 -19.59 -12.20
C TYR C 196 17.04 -21.12 -12.23
N VAL C 197 17.38 -21.67 -13.39
CA VAL C 197 17.73 -23.07 -13.58
C VAL C 197 19.04 -23.06 -14.35
N LEU C 198 20.16 -23.27 -13.64
CA LEU C 198 21.48 -23.13 -14.23
C LEU C 198 21.77 -24.28 -15.18
N SER C 199 22.76 -24.07 -16.05
CA SER C 199 23.13 -25.12 -16.99
C SER C 199 23.55 -26.39 -16.29
N ASN C 200 23.14 -27.52 -16.84
CA ASN C 200 23.44 -28.86 -16.31
C ASN C 200 23.13 -28.93 -14.81
N SER C 201 21.89 -28.60 -14.47
CA SER C 201 21.45 -28.53 -13.09
C SER C 201 19.96 -28.83 -13.02
N THR C 202 19.51 -29.25 -11.83
CA THR C 202 18.07 -29.34 -11.58
C THR C 202 17.73 -28.67 -10.26
N VAL C 203 16.57 -28.01 -10.22
CA VAL C 203 16.09 -27.33 -9.02
C VAL C 203 14.75 -27.92 -8.62
N LYS C 204 14.19 -27.37 -7.54
CA LYS C 204 13.10 -27.94 -6.81
C LYS C 204 12.43 -26.81 -6.06
N PHE C 205 11.11 -26.76 -6.10
CA PHE C 205 10.42 -25.82 -5.23
C PHE C 205 9.04 -26.34 -4.90
N ALA C 206 8.47 -25.78 -3.84
CA ALA C 206 7.18 -26.20 -3.32
C ALA C 206 6.06 -25.61 -4.17
N ILE C 207 5.17 -26.48 -4.65
CA ILE C 207 3.96 -26.06 -5.35
C ILE C 207 2.78 -26.61 -4.57
N ASP C 208 1.63 -25.98 -4.74
CA ASP C 208 0.39 -26.45 -4.13
C ASP C 208 0.01 -27.82 -4.66
N GLN C 209 -0.93 -28.46 -3.97
CA GLN C 209 -1.55 -29.65 -4.53
C GLN C 209 -2.33 -29.30 -5.79
N SER C 210 -3.08 -28.20 -5.76
CA SER C 210 -3.85 -27.76 -6.93
C SER C 210 -2.96 -27.61 -8.15
N THR C 211 -1.74 -27.09 -7.97
CA THR C 211 -0.82 -26.96 -9.08
C THR C 211 -0.32 -28.32 -9.56
N ALA C 212 0.05 -29.19 -8.63
CA ALA C 212 0.51 -30.53 -9.01
C ALA C 212 -0.52 -31.25 -9.86
N HIS C 213 -1.81 -31.12 -9.49
CA HIS C 213 -2.85 -31.83 -10.22
C HIS C 213 -3.12 -31.19 -11.56
N GLU C 214 -2.82 -29.91 -11.71
CA GLU C 214 -2.96 -29.30 -13.02
C GLU C 214 -1.81 -29.71 -13.94
N LEU C 215 -0.60 -29.86 -13.38
CA LEU C 215 0.52 -30.33 -14.18
C LEU C 215 0.33 -31.78 -14.59
N ALA C 216 -0.37 -32.56 -13.76
CA ALA C 216 -0.64 -33.98 -14.05
C ALA C 216 -1.46 -34.18 -15.31
N LYS C 217 -1.97 -33.09 -15.89
CA LYS C 217 -2.94 -33.12 -16.95
C LYS C 217 -2.31 -32.90 -18.33
N THR C 218 -1.07 -32.43 -18.38
CA THR C 218 -0.46 -31.99 -19.62
C THR C 218 0.92 -32.63 -19.73
N SER C 219 1.39 -32.71 -20.97
CA SER C 219 2.71 -33.27 -21.27
C SER C 219 3.78 -32.19 -21.26
N LYS C 220 3.58 -31.16 -22.09
CA LYS C 220 4.52 -30.07 -22.22
C LYS C 220 4.00 -28.87 -21.46
N ILE C 221 4.87 -28.24 -20.65
CA ILE C 221 4.63 -26.91 -20.12
C ILE C 221 5.67 -25.96 -20.71
N TYR C 222 5.41 -24.66 -20.58
CA TYR C 222 6.21 -23.63 -21.23
C TYR C 222 6.63 -22.57 -20.22
N GLY C 223 7.93 -22.27 -20.18
CA GLY C 223 8.47 -21.28 -19.25
C GLY C 223 8.81 -19.97 -19.93
N VAL C 224 8.58 -18.86 -19.22
CA VAL C 224 8.91 -17.53 -19.72
C VAL C 224 10.35 -17.21 -19.34
N ASP C 225 11.24 -17.19 -20.32
CA ASP C 225 12.68 -17.14 -20.11
C ASP C 225 13.21 -15.77 -20.48
N SER C 226 14.00 -15.15 -19.60
CA SER C 226 14.59 -13.86 -19.89
C SER C 226 16.11 -13.92 -19.99
N SER C 227 16.65 -15.12 -20.21
CA SER C 227 18.09 -15.29 -20.16
C SER C 227 18.80 -14.53 -21.26
N GLY C 228 18.15 -14.35 -22.40
CA GLY C 228 18.73 -13.60 -23.49
C GLY C 228 18.12 -12.23 -23.69
N ILE C 229 18.12 -11.80 -24.95
CA ILE C 229 17.84 -10.40 -25.27
C ILE C 229 16.40 -10.06 -24.94
N LYS C 230 15.46 -10.82 -25.49
CA LYS C 230 14.04 -10.58 -25.28
C LYS C 230 13.42 -11.79 -24.63
N GLN C 231 12.37 -11.57 -23.85
CA GLN C 231 11.68 -12.69 -23.23
C GLN C 231 11.15 -13.61 -24.32
N GLU C 232 11.08 -14.90 -24.00
CA GLU C 232 10.52 -15.83 -24.96
C GLU C 232 10.21 -17.16 -24.26
N LEU C 233 9.20 -17.85 -24.81
CA LEU C 233 8.73 -19.12 -24.28
C LEU C 233 9.72 -20.24 -24.63
N ILE C 234 10.10 -21.06 -23.65
CA ILE C 234 10.90 -22.25 -23.90
C ILE C 234 10.10 -23.49 -23.49
N GLU C 235 10.17 -24.51 -24.34
CA GLU C 235 9.45 -25.75 -24.15
C GLU C 235 10.11 -26.59 -23.07
N ILE C 236 9.39 -26.86 -21.99
CA ILE C 236 9.82 -27.79 -20.96
C ILE C 236 9.09 -29.10 -21.16
N THR C 237 9.83 -30.20 -21.36
CA THR C 237 9.23 -31.52 -21.57
C THR C 237 9.27 -32.34 -20.29
N LYS C 238 8.39 -33.35 -20.23
CA LYS C 238 8.27 -34.17 -19.02
C LYS C 238 9.38 -35.21 -18.94
N MET C 239 9.81 -35.51 -17.73
CA MET C 239 10.82 -36.52 -17.46
C MET C 239 10.15 -37.89 -17.40
N HIS D 8 22.22 -3.63 -28.25
CA HIS D 8 21.27 -4.09 -27.24
C HIS D 8 21.43 -3.22 -25.99
N HIS D 9 20.37 -3.10 -25.19
CA HIS D 9 20.38 -2.21 -24.03
C HIS D 9 20.52 -3.01 -22.74
N SER D 10 21.53 -2.66 -21.95
CA SER D 10 21.82 -3.28 -20.65
C SER D 10 21.03 -2.65 -19.50
N THR D 11 20.21 -3.47 -18.84
CA THR D 11 19.45 -2.98 -17.70
C THR D 11 20.36 -2.64 -16.51
N GLY D 12 20.01 -1.57 -15.82
CA GLY D 12 20.62 -1.14 -14.58
C GLY D 12 19.52 -0.72 -13.61
N CYS D 13 19.69 -1.01 -12.33
CA CYS D 13 18.66 -0.77 -11.32
C CYS D 13 19.21 0.05 -10.15
N THR D 14 18.31 0.74 -9.46
CA THR D 14 18.64 1.52 -8.28
C THR D 14 18.04 0.83 -7.07
N VAL D 15 18.88 0.23 -6.25
CA VAL D 15 18.42 -0.50 -5.06
C VAL D 15 18.38 0.46 -3.89
N GLY D 16 17.48 0.19 -2.96
CA GLY D 16 17.03 1.19 -2.01
C GLY D 16 18.14 1.76 -1.17
N GLY D 17 17.80 2.78 -0.40
CA GLY D 17 16.45 3.32 -0.34
C GLY D 17 16.10 4.54 -1.18
N SER D 18 14.80 4.84 -1.28
CA SER D 18 14.28 5.97 -2.05
C SER D 18 14.78 7.30 -1.52
N GLN D 19 14.54 8.37 -2.27
CA GLN D 19 14.94 9.73 -1.87
C GLN D 19 14.27 10.81 -2.70
N PHE D 27 19.72 6.44 7.44
CA PHE D 27 19.14 6.90 8.69
C PHE D 27 18.01 5.99 9.17
N GLY D 28 17.20 5.52 8.22
CA GLY D 28 15.94 4.84 8.50
C GLY D 28 16.02 3.51 9.22
N THR D 29 15.30 3.42 10.34
CA THR D 29 15.31 2.25 11.20
C THR D 29 13.89 1.84 11.57
N LEU D 30 13.78 0.71 12.26
CA LEU D 30 12.53 0.22 12.85
C LEU D 30 12.54 0.59 14.33
N ASN D 31 11.86 1.67 14.71
CA ASN D 31 11.77 2.10 16.10
C ASN D 31 10.46 1.62 16.71
N PHE D 32 10.56 0.64 17.62
CA PHE D 32 9.40 0.08 18.30
C PHE D 32 8.95 0.91 19.49
N GLY D 33 9.88 1.59 20.14
CA GLY D 33 9.65 2.25 21.41
C GLY D 33 10.50 1.61 22.49
N LYS D 34 10.18 1.94 23.73
CA LYS D 34 10.87 1.27 24.82
C LYS D 34 10.14 -0.02 25.13
N THR D 35 10.91 -1.10 25.28
CA THR D 35 10.38 -2.43 25.51
C THR D 35 10.09 -2.65 26.99
N SER D 36 11.12 -2.47 27.83
CA SER D 36 11.12 -2.56 29.29
C SER D 36 9.79 -2.73 30.01
N GLY D 37 9.79 -3.59 31.02
CA GLY D 37 8.58 -3.79 31.80
C GLY D 37 7.60 -4.65 31.05
N THR D 38 6.36 -4.20 31.00
CA THR D 38 5.30 -5.01 30.41
C THR D 38 4.51 -4.18 29.41
N TRP D 39 4.08 -4.83 28.33
CA TRP D 39 3.19 -4.24 27.33
C TRP D 39 2.02 -5.19 27.09
N ASN D 40 0.82 -4.63 27.00
CA ASN D 40 -0.42 -5.40 26.97
C ASN D 40 -1.03 -5.54 25.58
N ASN D 41 -0.40 -4.98 24.53
CA ASN D 41 -0.86 -5.16 23.16
C ASN D 41 0.36 -5.35 22.27
N VAL D 42 0.17 -5.25 20.96
CA VAL D 42 1.21 -5.50 19.97
C VAL D 42 1.86 -4.18 19.57
N LEU D 43 3.20 -4.14 19.61
CA LEU D 43 3.96 -2.93 19.27
C LEU D 43 4.31 -2.91 17.79
N THR D 44 4.08 -1.78 17.15
CA THR D 44 4.17 -1.63 15.70
C THR D 44 5.30 -0.69 15.31
N ALA D 45 6.08 -1.08 14.30
CA ALA D 45 7.13 -0.25 13.71
C ALA D 45 7.21 -0.54 12.22
N GLU D 46 7.57 0.48 11.43
CA GLU D 46 7.30 0.40 10.00
C GLU D 46 8.36 1.08 9.16
N VAL D 47 8.53 0.56 7.93
CA VAL D 47 9.33 1.10 6.83
C VAL D 47 8.62 0.76 5.51
N ALA D 48 7.69 1.61 5.07
CA ALA D 48 6.79 1.23 3.97
C ALA D 48 6.59 2.28 2.89
N SER D 49 6.10 3.47 3.24
CA SER D 49 5.91 4.55 2.27
C SER D 49 6.64 5.81 2.71
N ASN D 55 12.86 4.52 2.96
CA ASN D 55 12.36 3.17 2.74
C ASN D 55 13.12 2.51 1.61
N ILE D 56 12.93 1.22 1.42
CA ILE D 56 13.73 0.42 0.50
C ILE D 56 12.95 0.20 -0.78
N SER D 57 13.62 0.30 -1.93
CA SER D 57 12.91 0.15 -3.20
C SER D 57 13.88 -0.09 -4.36
N VAL D 58 13.42 -0.88 -5.34
CA VAL D 58 14.18 -1.20 -6.54
C VAL D 58 13.54 -0.49 -7.73
N THR D 59 14.35 0.22 -8.53
CA THR D 59 13.89 0.87 -9.75
C THR D 59 14.78 0.46 -10.91
N CYS D 60 14.24 -0.22 -11.89
CA CYS D 60 15.01 -0.63 -13.05
C CYS D 60 14.63 0.19 -14.26
N ASP D 61 15.37 0.01 -15.35
CA ASP D 61 15.33 1.03 -16.39
C ASP D 61 15.12 0.46 -17.79
N GLY D 62 14.81 -0.83 -17.92
CA GLY D 62 14.42 -1.30 -19.23
C GLY D 62 13.01 -0.82 -19.59
N THR D 63 12.51 -1.36 -20.70
CA THR D 63 11.06 -1.38 -20.89
C THR D 63 10.44 -2.65 -20.33
N ASP D 64 11.18 -3.76 -20.36
CA ASP D 64 10.73 -5.00 -19.79
C ASP D 64 10.75 -4.92 -18.27
N PRO D 65 10.00 -5.77 -17.59
CA PRO D 65 10.12 -5.87 -16.14
C PRO D 65 11.36 -6.68 -15.73
N VAL D 66 11.81 -6.42 -14.52
CA VAL D 66 12.89 -7.14 -13.88
C VAL D 66 12.33 -7.85 -12.67
N ASP D 67 12.37 -9.18 -12.69
CA ASP D 67 12.10 -9.94 -11.47
C ASP D 67 13.28 -9.78 -10.51
N PHE D 68 12.97 -9.67 -9.22
CA PHE D 68 14.00 -9.77 -8.20
C PHE D 68 13.38 -10.34 -6.94
N THR D 69 14.25 -10.51 -5.94
CA THR D 69 13.97 -11.35 -4.79
C THR D 69 14.54 -10.68 -3.55
N VAL D 70 13.78 -10.69 -2.46
CA VAL D 70 14.21 -10.11 -1.19
C VAL D 70 14.14 -11.18 -0.11
N ALA D 71 15.23 -11.34 0.63
CA ALA D 71 15.32 -12.27 1.74
C ALA D 71 15.88 -11.53 2.95
N ILE D 72 15.33 -11.82 4.12
CA ILE D 72 15.67 -11.10 5.35
C ILE D 72 16.21 -12.08 6.37
N ASP D 73 17.15 -11.57 7.16
CA ASP D 73 18.01 -12.31 8.08
C ASP D 73 17.22 -12.72 9.32
N GLY D 74 17.91 -13.35 10.27
CA GLY D 74 17.29 -13.72 11.52
C GLY D 74 17.82 -12.91 12.68
N GLY D 75 18.47 -11.80 12.37
CA GLY D 75 19.10 -10.96 13.39
C GLY D 75 20.42 -11.51 13.86
N GLU D 76 21.08 -10.71 14.71
CA GLU D 76 22.39 -11.08 15.20
C GLU D 76 22.39 -12.38 16.00
N ARG D 77 21.21 -12.90 16.34
CA ARG D 77 21.07 -14.13 17.11
C ARG D 77 20.35 -15.22 16.34
N THR D 78 19.99 -14.96 15.07
CA THR D 78 19.30 -15.88 14.16
C THR D 78 17.85 -16.18 14.57
N ASP D 79 17.34 -15.55 15.62
CA ASP D 79 15.99 -15.82 16.11
C ASP D 79 15.15 -14.55 16.17
N ARG D 80 15.64 -13.46 15.59
CA ARG D 80 14.98 -12.15 15.64
C ARG D 80 14.59 -11.79 17.08
N THR D 81 15.64 -11.51 17.85
CA THR D 81 15.50 -11.09 19.25
C THR D 81 16.36 -9.86 19.43
N LEU D 82 15.76 -8.77 19.90
CA LEU D 82 16.56 -7.64 20.31
C LEU D 82 17.35 -8.01 21.57
N LYS D 83 18.35 -7.20 21.90
CA LYS D 83 19.11 -7.40 23.13
C LYS D 83 19.50 -6.05 23.70
N ASN D 84 19.34 -5.88 25.02
CA ASN D 84 19.72 -4.64 25.66
C ASN D 84 21.16 -4.65 26.15
N THR D 85 21.60 -5.84 26.59
CA THR D 85 22.79 -6.21 27.38
C THR D 85 22.30 -7.33 28.30
N ASP D 89 19.18 -9.97 28.49
CA ASP D 89 17.73 -9.84 28.36
C ASP D 89 17.32 -9.56 26.91
N VAL D 90 16.40 -10.37 26.38
CA VAL D 90 16.00 -10.34 24.98
C VAL D 90 14.47 -10.35 24.84
N VAL D 91 13.97 -9.68 23.80
CA VAL D 91 12.55 -9.66 23.46
C VAL D 91 12.39 -9.93 21.97
N ALA D 92 11.53 -10.88 21.62
CA ALA D 92 11.42 -11.30 20.23
C ALA D 92 10.48 -10.39 19.43
N TYR D 93 10.65 -10.44 18.11
CA TYR D 93 9.88 -9.61 17.18
C TYR D 93 9.84 -10.32 15.83
N ASN D 94 9.22 -9.65 14.85
CA ASN D 94 9.10 -10.22 13.51
C ASN D 94 8.82 -9.11 12.50
N VAL D 95 9.13 -9.39 11.22
CA VAL D 95 8.94 -8.46 10.12
C VAL D 95 8.07 -9.10 9.03
N TYR D 96 7.32 -8.26 8.33
CA TYR D 96 6.29 -8.73 7.41
C TYR D 96 6.28 -7.88 6.13
N ARG D 97 5.73 -8.45 5.07
CA ARG D 97 5.64 -7.74 3.79
C ARG D 97 4.42 -6.82 3.69
N ASP D 98 3.32 -7.18 4.34
CA ASP D 98 2.07 -6.45 4.26
C ASP D 98 1.78 -5.73 5.58
N ALA D 99 1.11 -4.58 5.47
CA ALA D 99 0.70 -3.84 6.66
C ALA D 99 -0.18 -4.70 7.56
N ALA D 100 -1.07 -5.50 6.96
CA ALA D 100 -1.92 -6.40 7.73
C ALA D 100 -1.10 -7.41 8.54
N ARG D 101 0.18 -7.61 8.20
CA ARG D 101 1.13 -8.48 8.93
C ARG D 101 0.73 -9.96 8.87
N THR D 102 0.11 -10.37 7.77
CA THR D 102 -0.17 -11.76 7.46
C THR D 102 0.94 -12.46 6.67
N ASN D 103 1.84 -11.71 6.04
CA ASN D 103 2.85 -12.25 5.13
C ASN D 103 4.24 -12.04 5.73
N LEU D 104 4.75 -13.08 6.38
CA LEU D 104 6.03 -13.03 7.05
C LEU D 104 7.19 -13.10 6.06
N TYR D 105 8.21 -12.27 6.29
CA TYR D 105 9.54 -12.50 5.71
C TYR D 105 10.12 -13.67 6.49
N VAL D 106 9.74 -14.87 6.07
CA VAL D 106 10.23 -16.05 6.76
C VAL D 106 11.76 -16.08 6.61
N VAL D 107 12.45 -16.40 7.70
CA VAL D 107 13.90 -16.20 7.83
C VAL D 107 14.68 -16.85 6.69
N ASN D 108 15.37 -16.02 5.91
CA ASN D 108 16.23 -16.43 4.80
C ASN D 108 15.45 -17.07 3.65
N GLN D 109 14.13 -16.89 3.61
CA GLN D 109 13.28 -17.34 2.51
C GLN D 109 12.93 -16.16 1.64
N PRO D 110 13.14 -16.25 0.33
CA PRO D 110 12.97 -15.09 -0.55
C PRO D 110 11.50 -14.82 -0.87
N GLN D 111 11.17 -13.54 -0.97
CA GLN D 111 9.87 -13.13 -1.47
C GLN D 111 10.05 -12.63 -2.89
N GLN D 112 9.13 -13.01 -3.77
CA GLN D 112 9.27 -12.64 -5.18
C GLN D 112 8.71 -11.24 -5.40
N PHE D 113 9.45 -10.43 -6.16
CA PHE D 113 9.02 -9.10 -6.53
C PHE D 113 9.15 -8.95 -8.04
N THR D 114 8.59 -7.86 -8.55
CA THR D 114 8.66 -7.54 -9.97
C THR D 114 8.65 -6.02 -10.05
N THR D 115 9.28 -5.50 -11.10
CA THR D 115 9.33 -4.07 -11.32
C THR D 115 8.35 -3.71 -12.41
N VAL D 116 7.68 -2.59 -12.23
CA VAL D 116 6.81 -2.05 -13.26
C VAL D 116 7.61 -1.02 -14.03
N SER D 117 7.49 -1.07 -15.36
CA SER D 117 8.31 -0.25 -16.24
C SER D 117 8.21 1.23 -15.87
N GLY D 118 9.31 1.82 -15.40
CA GLY D 118 9.30 3.24 -15.06
C GLY D 118 8.62 3.62 -13.76
N GLN D 119 8.35 2.64 -12.89
CA GLN D 119 7.82 2.92 -11.57
C GLN D 119 8.70 2.22 -10.54
N ALA D 120 8.83 2.84 -9.38
CA ALA D 120 9.61 2.25 -8.29
C ALA D 120 8.80 1.18 -7.56
N THR D 121 9.45 0.05 -7.28
CA THR D 121 8.86 -1.03 -6.51
C THR D 121 9.33 -0.97 -5.06
N ALA D 122 8.40 -0.76 -4.13
CA ALA D 122 8.75 -0.73 -2.73
C ALA D 122 9.03 -2.13 -2.21
N VAL D 123 10.01 -2.22 -1.31
CA VAL D 123 10.30 -3.41 -0.52
C VAL D 123 9.81 -3.06 0.89
N PRO D 124 8.52 -3.21 1.18
CA PRO D 124 8.01 -2.77 2.48
C PRO D 124 8.35 -3.76 3.57
N ILE D 125 8.62 -3.22 4.76
CA ILE D 125 9.00 -4.02 5.90
C ILE D 125 8.25 -3.48 7.11
N PHE D 126 7.26 -4.23 7.59
CA PHE D 126 6.48 -3.87 8.77
C PHE D 126 6.86 -4.77 9.94
N GLY D 127 7.08 -4.17 11.10
CA GLY D 127 7.49 -4.95 12.25
C GLY D 127 6.45 -5.04 13.35
N ALA D 128 6.56 -6.03 14.22
CA ALA D 128 5.61 -6.18 15.31
C ALA D 128 6.24 -6.98 16.43
N ILE D 129 5.82 -6.68 17.66
CA ILE D 129 6.20 -7.44 18.85
C ILE D 129 4.95 -7.98 19.53
N ALA D 130 5.01 -9.22 19.98
CA ALA D 130 3.92 -9.83 20.70
C ALA D 130 3.69 -9.12 22.04
N PRO D 131 2.51 -9.31 22.64
CA PRO D 131 2.30 -8.84 24.01
C PRO D 131 3.15 -9.66 24.99
N ASN D 132 3.38 -9.07 26.18
CA ASN D 132 4.28 -9.67 27.16
C ASN D 132 3.59 -10.29 28.37
N THR D 133 2.54 -9.67 28.90
CA THR D 133 1.77 -10.18 30.03
C THR D 133 2.62 -10.38 31.29
N GLY D 134 3.70 -11.17 31.19
CA GLY D 134 4.46 -11.56 32.36
C GLY D 134 5.84 -10.96 32.51
N THR D 135 6.80 -11.79 32.96
CA THR D 135 8.16 -11.44 33.39
C THR D 135 8.69 -10.19 32.70
N PRO D 136 8.62 -9.04 33.36
CA PRO D 136 9.14 -7.80 32.77
C PRO D 136 10.61 -7.91 32.41
N LYS D 137 11.04 -6.99 31.55
CA LYS D 137 12.36 -7.04 30.95
C LYS D 137 13.26 -5.98 31.61
N ALA D 138 14.45 -5.77 31.05
CA ALA D 138 15.44 -4.87 31.66
C ALA D 138 15.13 -3.39 31.42
N GLN D 139 16.16 -2.54 31.30
CA GLN D 139 15.98 -1.10 31.43
C GLN D 139 15.37 -0.47 30.18
N GLY D 140 15.93 -0.78 29.03
CA GLY D 140 15.59 -0.08 27.81
C GLY D 140 16.79 -0.08 26.89
N ASP D 141 16.59 0.49 25.71
CA ASP D 141 17.59 0.48 24.66
C ASP D 141 17.95 -0.97 24.28
N TYR D 142 17.14 -1.60 23.42
CA TYR D 142 17.39 -2.93 22.90
C TYR D 142 17.71 -2.82 21.41
N LYS D 143 18.47 -3.77 20.87
CA LYS D 143 18.87 -3.63 19.49
C LYS D 143 18.99 -4.98 18.78
N ASP D 144 18.87 -4.92 17.46
CA ASP D 144 19.24 -6.01 16.56
C ASP D 144 19.49 -5.38 15.20
N THR D 145 20.10 -6.16 14.32
CA THR D 145 20.41 -5.72 12.96
C THR D 145 20.01 -6.80 11.97
N LEU D 146 19.26 -6.42 10.94
CA LEU D 146 18.73 -7.35 9.95
C LEU D 146 19.53 -7.25 8.64
N LEU D 147 19.87 -8.39 8.07
CA LEU D 147 20.53 -8.41 6.78
C LEU D 147 19.46 -8.60 5.71
N VAL D 148 19.34 -7.62 4.82
CA VAL D 148 18.32 -7.65 3.78
C VAL D 148 19.03 -7.86 2.46
N THR D 149 18.83 -9.05 1.87
CA THR D 149 19.46 -9.42 0.62
C THR D 149 18.49 -9.22 -0.54
N VAL D 150 18.90 -8.46 -1.53
CA VAL D 150 18.17 -8.28 -2.79
C VAL D 150 18.94 -8.98 -3.90
N ASN D 151 18.30 -9.96 -4.56
CA ASN D 151 18.97 -10.77 -5.58
C ASN D 151 18.31 -10.56 -6.92
N PHE D 152 19.09 -10.28 -7.95
CA PHE D 152 18.57 -10.22 -9.31
C PHE D 152 18.86 -11.51 -10.11
#